data_9FXK
#
_entry.id   9FXK
#
_cell.length_a   84.797
_cell.length_b   129.791
_cell.length_c   143.877
_cell.angle_alpha   90
_cell.angle_beta   90
_cell.angle_gamma   90
#
_symmetry.space_group_name_H-M   'P 21 21 21'
#
loop_
_entity.id
_entity.type
_entity.pdbx_description
1 polymer 'Transcriptional repressor NrdR'
2 non-polymer "2'-DEOXYADENOSINE 5'-TRIPHOSPHATE"
3 non-polymer 'PHOSPHOAMINOPHOSPHONIC ACID-ADENYLATE ESTER'
4 non-polymer 'ZINC ION'
5 non-polymer 'MAGNESIUM ION'
6 water water
#
_entity_poly.entity_id   1
_entity_poly.type   'polypeptide(L)'
_entity_poly.pdbx_seq_one_letter_code
;MHCPFCFAVDTKVIDSRLVGEGSSVRRRRQCLVCNERFTTFEVAELVMPRVVKSNDVREPFNEEKLRSGMLRALEKRPVS
SDDVEMAINHIKSQLRATGEREVPSKMIGNLVMEQLKKLDKVAYIRFASVYRSFEDIKEFGEEIARLEDHHHHHH
;
_entity_poly.pdbx_strand_id   A,B,C,D,E,F,G,H
#
# COMPACT_ATOMS: atom_id res chain seq x y z
N MET A 1 -31.46 -30.58 -0.92
CA MET A 1 -31.23 -29.22 -0.44
C MET A 1 -30.91 -29.22 1.06
N HIS A 2 -29.94 -28.40 1.49
CA HIS A 2 -29.62 -28.33 2.92
CA HIS A 2 -29.63 -28.33 2.92
C HIS A 2 -30.64 -27.46 3.63
N CYS A 3 -30.86 -27.74 4.91
CA CYS A 3 -31.78 -26.99 5.74
C CYS A 3 -31.24 -25.57 5.91
N PRO A 4 -32.05 -24.54 5.63
CA PRO A 4 -31.59 -23.16 5.82
C PRO A 4 -31.51 -22.73 7.27
N PHE A 5 -31.97 -23.57 8.21
CA PHE A 5 -31.99 -23.26 9.62
C PHE A 5 -30.82 -23.89 10.34
N CYS A 6 -30.70 -25.23 10.30
CA CYS A 6 -29.62 -25.92 11.00
C CYS A 6 -28.48 -26.39 10.08
N PHE A 7 -28.65 -26.29 8.77
CA PHE A 7 -27.66 -26.66 7.76
C PHE A 7 -27.39 -28.16 7.69
N ALA A 8 -28.36 -29.00 8.14
CA ALA A 8 -28.33 -30.46 7.94
C ALA A 8 -28.44 -30.68 6.43
N VAL A 9 -27.67 -31.63 5.88
CA VAL A 9 -27.58 -31.83 4.43
C VAL A 9 -28.81 -32.41 3.74
N ASP A 10 -29.69 -33.11 4.47
CA ASP A 10 -30.83 -33.73 3.81
C ASP A 10 -32.15 -33.19 4.33
N THR A 11 -32.90 -32.70 3.38
CA THR A 11 -34.21 -32.12 3.59
C THR A 11 -35.14 -32.98 2.73
N LYS A 12 -36.38 -33.16 3.17
CA LYS A 12 -37.33 -34.00 2.47
C LYS A 12 -38.42 -33.15 1.83
N VAL A 13 -38.82 -33.45 0.59
CA VAL A 13 -39.91 -32.73 -0.06
C VAL A 13 -41.20 -33.33 0.45
N ILE A 14 -41.96 -32.52 1.17
CA ILE A 14 -43.19 -32.93 1.81
C ILE A 14 -44.44 -32.56 0.97
N ASP A 15 -44.31 -31.62 0.01
CA ASP A 15 -45.42 -31.22 -0.86
C ASP A 15 -44.92 -30.45 -2.08
N SER A 16 -45.68 -30.49 -3.18
CA SER A 16 -45.30 -29.83 -4.42
C SER A 16 -46.52 -29.35 -5.17
N ARG A 17 -46.42 -28.18 -5.79
CA ARG A 17 -47.51 -27.66 -6.61
C ARG A 17 -46.96 -26.71 -7.70
N LEU A 18 -47.68 -26.59 -8.80
CA LEU A 18 -47.26 -25.71 -9.89
C LEU A 18 -47.76 -24.31 -9.62
N VAL A 19 -46.94 -23.32 -9.86
CA VAL A 19 -47.30 -21.91 -9.68
C VAL A 19 -46.84 -21.13 -10.91
N GLY A 20 -47.33 -19.90 -11.07
CA GLY A 20 -46.93 -19.02 -12.15
C GLY A 20 -47.31 -19.54 -13.50
N GLU A 21 -48.57 -20.03 -13.61
CA GLU A 21 -49.13 -20.61 -14.83
C GLU A 21 -48.28 -21.80 -15.32
N GLY A 22 -47.86 -22.66 -14.38
CA GLY A 22 -47.09 -23.85 -14.68
C GLY A 22 -45.61 -23.64 -14.93
N SER A 23 -45.13 -22.40 -14.85
CA SER A 23 -43.72 -22.10 -15.12
C SER A 23 -42.80 -22.28 -13.93
N SER A 24 -43.34 -22.41 -12.71
CA SER A 24 -42.51 -22.59 -11.52
C SER A 24 -43.04 -23.72 -10.62
N VAL A 25 -42.16 -24.34 -9.84
CA VAL A 25 -42.57 -25.38 -8.91
C VAL A 25 -42.38 -24.91 -7.47
N ARG A 26 -43.48 -24.78 -6.73
CA ARG A 26 -43.44 -24.39 -5.34
C ARG A 26 -43.45 -25.67 -4.51
N ARG A 27 -42.46 -25.80 -3.64
CA ARG A 27 -42.32 -26.99 -2.81
C ARG A 27 -42.34 -26.63 -1.34
N ARG A 28 -42.70 -27.62 -0.54
CA ARG A 28 -42.71 -27.49 0.89
C ARG A 28 -41.72 -28.56 1.35
N ARG A 29 -40.67 -28.15 2.04
CA ARG A 29 -39.63 -29.06 2.49
C ARG A 29 -39.61 -29.15 4.02
N GLN A 30 -39.10 -30.26 4.55
CA GLN A 30 -39.01 -30.48 5.99
C GLN A 30 -37.62 -31.00 6.36
N CYS A 31 -36.98 -30.37 7.36
CA CYS A 31 -35.68 -30.84 7.81
C CYS A 31 -35.82 -32.10 8.63
N LEU A 32 -34.99 -33.11 8.35
CA LEU A 32 -35.06 -34.36 9.07
C LEU A 32 -34.44 -34.30 10.47
N VAL A 33 -33.56 -33.30 10.71
CA VAL A 33 -32.91 -33.21 12.02
C VAL A 33 -33.59 -32.16 12.90
N CYS A 34 -33.82 -30.92 12.40
CA CYS A 34 -34.46 -29.91 13.23
C CYS A 34 -35.99 -29.84 13.07
N ASN A 35 -36.56 -30.61 12.12
CA ASN A 35 -38.01 -30.72 11.87
C ASN A 35 -38.70 -29.42 11.44
N GLU A 36 -37.92 -28.42 11.05
CA GLU A 36 -38.49 -27.17 10.57
C GLU A 36 -39.01 -27.34 9.14
N ARG A 37 -40.04 -26.57 8.79
CA ARG A 37 -40.63 -26.61 7.47
C ARG A 37 -40.44 -25.28 6.77
N PHE A 38 -40.25 -25.31 5.45
CA PHE A 38 -40.01 -24.10 4.68
C PHE A 38 -40.47 -24.27 3.23
N THR A 39 -40.66 -23.15 2.55
CA THR A 39 -41.08 -23.13 1.17
C THR A 39 -39.89 -22.85 0.25
N THR A 40 -39.90 -23.50 -0.91
CA THR A 40 -38.87 -23.32 -1.91
C THR A 40 -39.56 -23.08 -3.27
N PHE A 41 -38.81 -22.45 -4.19
CA PHE A 41 -39.32 -22.19 -5.51
C PHE A 41 -38.32 -22.66 -6.53
N GLU A 42 -38.81 -23.35 -7.57
CA GLU A 42 -37.97 -23.79 -8.67
C GLU A 42 -38.31 -22.92 -9.87
N VAL A 43 -37.34 -22.12 -10.35
CA VAL A 43 -37.59 -21.20 -11.45
C VAL A 43 -36.61 -21.46 -12.59
N ALA A 44 -37.09 -21.47 -13.83
CA ALA A 44 -36.23 -21.69 -14.97
C ALA A 44 -35.39 -20.47 -15.32
N GLU A 45 -34.23 -20.72 -15.90
CA GLU A 45 -33.34 -19.69 -16.38
C GLU A 45 -33.63 -19.63 -17.88
N LEU A 46 -34.52 -18.73 -18.30
CA LEU A 46 -34.92 -18.66 -19.71
C LEU A 46 -34.14 -17.67 -20.55
N VAL A 47 -33.41 -16.75 -19.90
CA VAL A 47 -32.59 -15.78 -20.61
C VAL A 47 -31.44 -16.53 -21.25
N MET A 48 -31.07 -16.13 -22.45
CA MET A 48 -29.94 -16.72 -23.16
C MET A 48 -28.63 -16.54 -22.40
N PRO A 49 -27.66 -17.46 -22.59
CA PRO A 49 -26.39 -17.31 -21.89
C PRO A 49 -25.64 -16.04 -22.29
N ARG A 50 -24.87 -15.47 -21.35
CA ARG A 50 -24.07 -14.28 -21.63
C ARG A 50 -22.99 -14.61 -22.66
N VAL A 51 -22.45 -13.60 -23.31
CA VAL A 51 -21.46 -13.78 -24.34
C VAL A 51 -20.09 -13.31 -23.86
N VAL A 52 -19.11 -14.21 -23.90
CA VAL A 52 -17.74 -13.85 -23.54
C VAL A 52 -17.10 -13.35 -24.84
N LYS A 53 -16.78 -12.06 -24.92
CA LYS A 53 -16.24 -11.48 -26.13
C LYS A 53 -14.77 -11.84 -26.33
N SER A 54 -14.22 -11.54 -27.51
CA SER A 54 -12.82 -11.79 -27.81
C SER A 54 -11.86 -11.15 -26.77
N ASN A 55 -12.24 -9.99 -26.20
CA ASN A 55 -11.42 -9.33 -25.20
C ASN A 55 -11.75 -9.75 -23.74
N ASP A 56 -12.53 -10.84 -23.57
CA ASP A 56 -12.98 -11.45 -22.31
C ASP A 56 -14.02 -10.62 -21.54
N VAL A 57 -14.58 -9.58 -22.16
CA VAL A 57 -15.65 -8.81 -21.54
C VAL A 57 -16.93 -9.61 -21.72
N ARG A 58 -17.77 -9.70 -20.69
CA ARG A 58 -19.04 -10.40 -20.82
C ARG A 58 -20.11 -9.38 -21.16
N GLU A 59 -21.06 -9.77 -21.98
CA GLU A 59 -22.19 -8.92 -22.30
C GLU A 59 -23.41 -9.79 -22.57
N PRO A 60 -24.62 -9.29 -22.28
CA PRO A 60 -25.81 -10.13 -22.51
C PRO A 60 -25.98 -10.48 -23.97
N PHE A 61 -26.56 -11.65 -24.25
CA PHE A 61 -26.81 -12.11 -25.61
C PHE A 61 -27.72 -11.12 -26.34
N ASN A 62 -27.30 -10.64 -27.50
CA ASN A 62 -28.07 -9.67 -28.26
C ASN A 62 -28.47 -10.28 -29.60
N GLU A 63 -29.72 -10.72 -29.73
CA GLU A 63 -30.23 -11.34 -30.94
C GLU A 63 -30.08 -10.44 -32.18
N GLU A 64 -30.19 -9.12 -32.00
CA GLU A 64 -30.05 -8.21 -33.12
C GLU A 64 -28.62 -8.18 -33.65
N LYS A 65 -27.61 -8.31 -32.77
CA LYS A 65 -26.21 -8.34 -33.20
C LYS A 65 -25.95 -9.57 -34.06
N LEU A 66 -26.46 -10.73 -33.61
CA LEU A 66 -26.34 -11.98 -34.34
C LEU A 66 -26.99 -11.88 -35.72
N ARG A 67 -28.26 -11.44 -35.76
CA ARG A 67 -29.02 -11.31 -37.00
C ARG A 67 -28.42 -10.29 -37.98
N SER A 68 -28.05 -9.09 -37.52
CA SER A 68 -27.50 -8.07 -38.43
C SER A 68 -26.20 -8.49 -39.09
N GLY A 69 -25.40 -9.31 -38.41
CA GLY A 69 -24.17 -9.84 -38.98
C GLY A 69 -24.49 -10.79 -40.12
N MET A 70 -25.50 -11.67 -39.92
CA MET A 70 -25.94 -12.59 -40.96
C MET A 70 -26.52 -11.83 -42.14
N LEU A 71 -27.34 -10.78 -41.88
CA LEU A 71 -27.95 -10.01 -42.96
C LEU A 71 -26.98 -9.22 -43.79
N ARG A 72 -25.84 -8.83 -43.22
CA ARG A 72 -24.77 -8.19 -44.00
C ARG A 72 -24.21 -9.22 -44.98
N ALA A 73 -23.94 -10.44 -44.48
CA ALA A 73 -23.39 -11.52 -45.29
C ALA A 73 -24.37 -11.98 -46.34
N LEU A 74 -25.68 -11.95 -46.06
CA LEU A 74 -26.73 -12.40 -46.98
C LEU A 74 -27.22 -11.37 -47.96
N GLU A 75 -26.53 -10.22 -48.08
CA GLU A 75 -26.94 -9.16 -48.98
C GLU A 75 -27.08 -9.65 -50.42
N LYS A 76 -28.25 -9.42 -51.03
CA LYS A 76 -28.56 -9.77 -52.40
C LYS A 76 -28.57 -11.30 -52.65
N ARG A 77 -28.67 -12.12 -51.60
CA ARG A 77 -28.68 -13.58 -51.76
C ARG A 77 -30.10 -14.14 -51.70
N PRO A 78 -30.37 -15.24 -52.43
CA PRO A 78 -31.74 -15.80 -52.44
C PRO A 78 -32.08 -16.67 -51.22
N VAL A 79 -32.08 -16.07 -50.05
CA VAL A 79 -32.42 -16.70 -48.79
C VAL A 79 -33.56 -15.89 -48.18
N SER A 80 -34.68 -16.53 -47.85
CA SER A 80 -35.82 -15.84 -47.28
C SER A 80 -35.60 -15.45 -45.81
N SER A 81 -36.40 -14.50 -45.28
CA SER A 81 -36.29 -14.13 -43.87
C SER A 81 -36.71 -15.30 -42.96
N ASP A 82 -37.57 -16.22 -43.46
CA ASP A 82 -37.97 -17.38 -42.70
C ASP A 82 -36.81 -18.34 -42.52
N ASP A 83 -35.97 -18.50 -43.57
CA ASP A 83 -34.78 -19.35 -43.51
C ASP A 83 -33.80 -18.79 -42.47
N VAL A 84 -33.64 -17.46 -42.46
CA VAL A 84 -32.77 -16.77 -41.52
C VAL A 84 -33.30 -16.92 -40.10
N GLU A 85 -34.62 -16.76 -39.91
CA GLU A 85 -35.21 -16.92 -38.57
C GLU A 85 -35.14 -18.34 -38.06
N MET A 86 -35.24 -19.34 -38.96
CA MET A 86 -35.08 -20.73 -38.55
C MET A 86 -33.62 -21.01 -38.18
N ALA A 87 -32.67 -20.40 -38.91
CA ALA A 87 -31.26 -20.57 -38.64
C ALA A 87 -30.93 -19.94 -37.28
N ILE A 88 -31.48 -18.75 -36.99
CA ILE A 88 -31.28 -18.07 -35.70
C ILE A 88 -31.87 -18.90 -34.56
N ASN A 89 -33.08 -19.44 -34.73
CA ASN A 89 -33.70 -20.29 -33.73
C ASN A 89 -32.85 -21.55 -33.45
N HIS A 90 -32.25 -22.12 -34.51
CA HIS A 90 -31.40 -23.30 -34.36
C HIS A 90 -30.14 -22.90 -33.58
N ILE A 91 -29.52 -21.74 -33.90
CA ILE A 91 -28.34 -21.29 -33.19
C ILE A 91 -28.65 -21.10 -31.71
N LYS A 92 -29.77 -20.43 -31.40
CA LYS A 92 -30.23 -20.22 -30.03
C LYS A 92 -30.49 -21.54 -29.28
N SER A 93 -31.08 -22.55 -29.94
CA SER A 93 -31.30 -23.86 -29.31
C SER A 93 -29.98 -24.53 -28.97
N GLN A 94 -28.99 -24.42 -29.86
CA GLN A 94 -27.69 -25.03 -29.62
C GLN A 94 -26.97 -24.37 -28.47
N LEU A 95 -27.08 -23.04 -28.36
CA LEU A 95 -26.46 -22.32 -27.26
C LEU A 95 -27.09 -22.73 -25.93
N ARG A 96 -28.41 -22.89 -25.90
CA ARG A 96 -29.10 -23.31 -24.70
C ARG A 96 -28.81 -24.78 -24.37
N ALA A 97 -28.64 -25.62 -25.38
CA ALA A 97 -28.33 -27.03 -25.16
C ALA A 97 -26.98 -27.24 -24.46
N THR A 98 -26.05 -26.26 -24.53
CA THR A 98 -24.77 -26.36 -23.82
C THR A 98 -24.95 -26.37 -22.30
N GLY A 99 -26.04 -25.77 -21.81
CA GLY A 99 -26.30 -25.66 -20.38
C GLY A 99 -25.43 -24.65 -19.68
N GLU A 100 -24.63 -23.89 -20.43
CA GLU A 100 -23.70 -22.91 -19.87
C GLU A 100 -24.35 -21.57 -19.58
N ARG A 101 -23.92 -20.90 -18.50
CA ARG A 101 -24.35 -19.54 -18.13
C ARG A 101 -23.76 -18.52 -19.13
N GLU A 102 -22.56 -18.79 -19.67
CA GLU A 102 -21.91 -17.93 -20.66
C GLU A 102 -21.24 -18.77 -21.75
N VAL A 103 -21.26 -18.25 -22.98
CA VAL A 103 -20.68 -18.92 -24.14
C VAL A 103 -19.80 -17.93 -24.89
N PRO A 104 -18.63 -18.37 -25.37
CA PRO A 104 -17.75 -17.42 -26.09
C PRO A 104 -18.34 -16.99 -27.43
N SER A 105 -18.12 -15.73 -27.86
CA SER A 105 -18.59 -15.26 -29.17
C SER A 105 -18.14 -16.21 -30.33
N LYS A 106 -16.97 -16.87 -30.18
CA LYS A 106 -16.43 -17.84 -31.14
C LYS A 106 -17.42 -18.99 -31.38
N MET A 107 -18.14 -19.42 -30.34
CA MET A 107 -19.13 -20.48 -30.49
C MET A 107 -20.30 -19.97 -31.33
N ILE A 108 -20.75 -18.73 -31.10
CA ILE A 108 -21.81 -18.13 -31.89
C ILE A 108 -21.38 -18.00 -33.35
N GLY A 109 -20.17 -17.48 -33.58
CA GLY A 109 -19.63 -17.37 -34.93
C GLY A 109 -19.55 -18.69 -35.66
N ASN A 110 -19.02 -19.74 -35.03
CA ASN A 110 -18.94 -21.06 -35.64
C ASN A 110 -20.34 -21.60 -36.00
N LEU A 111 -21.31 -21.35 -35.11
CA LEU A 111 -22.69 -21.77 -35.34
C LEU A 111 -23.31 -21.02 -36.50
N VAL A 112 -23.02 -19.72 -36.66
CA VAL A 112 -23.53 -18.91 -37.78
C VAL A 112 -22.94 -19.43 -39.08
N MET A 113 -21.63 -19.70 -39.09
CA MET A 113 -20.92 -20.23 -40.25
C MET A 113 -21.54 -21.52 -40.75
N GLU A 114 -21.93 -22.43 -39.84
CA GLU A 114 -22.53 -23.68 -40.25
C GLU A 114 -23.86 -23.45 -40.91
N GLN A 115 -24.65 -22.50 -40.41
CA GLN A 115 -25.92 -22.19 -41.01
C GLN A 115 -25.72 -21.55 -42.36
N LEU A 116 -24.75 -20.64 -42.47
CA LEU A 116 -24.46 -19.97 -43.73
C LEU A 116 -23.95 -20.92 -44.78
N LYS A 117 -23.20 -21.97 -44.41
CA LYS A 117 -22.74 -22.96 -45.39
C LYS A 117 -23.97 -23.65 -46.04
N LYS A 118 -24.99 -23.95 -45.22
CA LYS A 118 -26.21 -24.60 -45.69
C LYS A 118 -27.07 -23.65 -46.50
N LEU A 119 -27.17 -22.39 -46.07
CA LEU A 119 -28.00 -21.40 -46.75
C LEU A 119 -27.41 -20.86 -48.05
N ASP A 120 -26.20 -20.28 -47.99
CA ASP A 120 -25.59 -19.67 -49.17
C ASP A 120 -24.07 -19.57 -49.01
N LYS A 121 -23.31 -20.24 -49.90
CA LYS A 121 -21.87 -20.25 -49.79
C LYS A 121 -21.20 -18.87 -50.06
N VAL A 122 -21.81 -17.98 -50.87
CA VAL A 122 -21.27 -16.64 -51.06
C VAL A 122 -21.35 -15.87 -49.75
N ALA A 123 -22.50 -15.97 -49.07
CA ALA A 123 -22.73 -15.35 -47.76
C ALA A 123 -21.74 -15.89 -46.72
N TYR A 124 -21.41 -17.18 -46.79
CA TYR A 124 -20.43 -17.80 -45.92
C TYR A 124 -19.05 -17.15 -46.10
N ILE A 125 -18.57 -16.97 -47.34
CA ILE A 125 -17.28 -16.35 -47.58
C ILE A 125 -17.24 -14.91 -47.09
N ARG A 126 -18.34 -14.16 -47.30
CA ARG A 126 -18.43 -12.76 -46.86
C ARG A 126 -18.33 -12.69 -45.34
N PHE A 127 -19.13 -13.52 -44.63
CA PHE A 127 -19.08 -13.60 -43.18
C PHE A 127 -17.67 -14.00 -42.69
N ALA A 128 -17.11 -15.11 -43.21
CA ALA A 128 -15.78 -15.59 -42.84
C ALA A 128 -14.71 -14.53 -43.04
N SER A 129 -14.83 -13.70 -44.09
CA SER A 129 -13.83 -12.67 -44.34
C SER A 129 -13.72 -11.67 -43.19
N VAL A 130 -14.80 -11.48 -42.43
CA VAL A 130 -14.81 -10.58 -41.29
C VAL A 130 -14.61 -11.36 -39.97
N TYR A 131 -15.34 -12.47 -39.80
CA TYR A 131 -15.21 -13.32 -38.63
C TYR A 131 -13.79 -13.89 -38.46
N ARG A 132 -13.16 -14.31 -39.55
CA ARG A 132 -11.77 -14.77 -39.50
C ARG A 132 -10.77 -13.66 -39.84
N SER A 133 -11.23 -12.40 -39.88
CA SER A 133 -10.50 -11.17 -40.15
C SER A 133 -9.38 -11.34 -41.18
N PHE A 134 -9.73 -11.51 -42.45
CA PHE A 134 -8.74 -11.68 -43.51
C PHE A 134 -7.85 -10.47 -43.63
N GLU A 135 -6.53 -10.67 -43.62
CA GLU A 135 -5.54 -9.61 -43.75
C GLU A 135 -4.94 -9.52 -45.15
N ASP A 136 -5.14 -10.55 -45.99
CA ASP A 136 -4.63 -10.60 -47.36
C ASP A 136 -5.71 -11.20 -48.24
N ILE A 137 -5.77 -10.77 -49.52
CA ILE A 137 -6.74 -11.35 -50.45
C ILE A 137 -6.48 -12.86 -50.70
N LYS A 138 -5.25 -13.35 -50.47
CA LYS A 138 -4.90 -14.78 -50.55
C LYS A 138 -5.83 -15.63 -49.70
N GLU A 139 -6.33 -15.08 -48.59
CA GLU A 139 -7.20 -15.78 -47.65
C GLU A 139 -8.55 -16.14 -48.21
N PHE A 140 -9.04 -15.41 -49.22
CA PHE A 140 -10.30 -15.74 -49.86
C PHE A 140 -10.16 -17.08 -50.57
N GLY A 141 -9.06 -17.24 -51.30
CA GLY A 141 -8.75 -18.45 -52.03
C GLY A 141 -8.62 -19.64 -51.12
N GLU A 142 -7.95 -19.42 -49.99
CA GLU A 142 -7.74 -20.45 -48.98
C GLU A 142 -9.07 -20.89 -48.35
N GLU A 143 -9.96 -19.94 -48.05
CA GLU A 143 -11.25 -20.26 -47.47
C GLU A 143 -12.13 -21.02 -48.45
N ILE A 144 -12.06 -20.65 -49.75
CA ILE A 144 -12.81 -21.29 -50.83
C ILE A 144 -12.31 -22.71 -51.03
N ALA A 145 -10.99 -22.88 -51.04
CA ALA A 145 -10.37 -24.19 -51.22
C ALA A 145 -10.78 -25.14 -50.11
N ARG A 146 -10.86 -24.63 -48.87
CA ARG A 146 -11.27 -25.42 -47.71
C ARG A 146 -12.72 -25.87 -47.91
N LEU A 147 -13.58 -24.94 -48.35
CA LEU A 147 -15.01 -25.21 -48.60
C LEU A 147 -15.21 -26.25 -49.71
N GLU A 148 -14.32 -26.23 -50.72
CA GLU A 148 -14.32 -27.14 -51.87
C GLU A 148 -13.83 -28.56 -51.55
N ASP A 149 -13.38 -28.81 -50.30
CA ASP A 149 -12.96 -30.14 -49.91
C ASP A 149 -14.22 -30.90 -49.45
N HIS A 150 -15.07 -30.24 -48.64
CA HIS A 150 -16.33 -30.79 -48.17
C HIS A 150 -17.32 -30.85 -49.34
N MET B 1 -19.67 31.96 -31.34
CA MET B 1 -20.20 30.67 -30.91
C MET B 1 -20.39 30.67 -29.39
N HIS B 2 -21.48 30.07 -28.92
CA HIS B 2 -21.75 29.96 -27.49
C HIS B 2 -20.89 28.86 -26.86
N CYS B 3 -20.52 29.03 -25.60
CA CYS B 3 -19.74 28.03 -24.88
C CYS B 3 -20.59 26.79 -24.65
N PRO B 4 -20.11 25.62 -25.07
CA PRO B 4 -20.88 24.38 -24.82
C PRO B 4 -20.83 23.91 -23.35
N PHE B 5 -20.02 24.57 -22.50
CA PHE B 5 -19.88 24.17 -21.11
C PHE B 5 -20.68 25.05 -20.17
N CYS B 6 -20.48 26.38 -20.20
CA CYS B 6 -21.22 27.28 -19.33
C CYS B 6 -22.34 28.06 -20.02
N PHE B 7 -22.44 27.96 -21.35
CA PHE B 7 -23.46 28.60 -22.17
C PHE B 7 -23.35 30.13 -22.22
N ALA B 8 -22.14 30.68 -21.97
CA ALA B 8 -21.84 32.10 -22.17
C ALA B 8 -21.97 32.34 -23.71
N VAL B 9 -22.55 33.46 -24.12
CA VAL B 9 -22.88 33.74 -25.52
C VAL B 9 -21.71 33.99 -26.47
N ASP B 10 -20.51 34.34 -25.96
CA ASP B 10 -19.39 34.53 -26.87
C ASP B 10 -18.17 33.74 -26.48
N THR B 11 -17.43 33.30 -27.49
CA THR B 11 -16.22 32.52 -27.37
C THR B 11 -15.15 33.15 -28.28
N LYS B 12 -13.89 33.13 -27.86
CA LYS B 12 -12.82 33.72 -28.65
C LYS B 12 -12.08 32.64 -29.43
N VAL B 13 -11.76 32.89 -30.71
CA VAL B 13 -10.96 31.94 -31.48
C VAL B 13 -9.50 32.17 -31.11
N ILE B 14 -8.86 31.15 -30.53
CA ILE B 14 -7.47 31.17 -30.06
C ILE B 14 -6.49 30.68 -31.13
N ASP B 15 -6.94 29.76 -31.98
CA ASP B 15 -6.09 29.18 -33.01
C ASP B 15 -6.93 28.67 -34.20
N SER B 16 -6.32 28.64 -35.38
CA SER B 16 -6.99 28.20 -36.59
C SER B 16 -6.01 27.52 -37.53
N ARG B 17 -6.44 26.44 -38.19
CA ARG B 17 -5.58 25.73 -39.13
C ARG B 17 -6.36 24.91 -40.17
N LEU B 18 -5.81 24.77 -41.39
CA LEU B 18 -6.48 24.00 -42.45
C LEU B 18 -6.28 22.52 -42.22
N VAL B 19 -7.36 21.76 -42.31
CA VAL B 19 -7.33 20.30 -42.17
C VAL B 19 -8.12 19.65 -43.32
N GLY B 20 -8.03 18.33 -43.46
CA GLY B 20 -8.78 17.60 -44.49
C GLY B 20 -8.33 17.97 -45.87
N GLU B 21 -7.01 18.10 -46.05
CA GLU B 21 -6.43 18.49 -47.32
C GLU B 21 -6.95 19.84 -47.81
N GLY B 22 -7.06 20.80 -46.89
CA GLY B 22 -7.51 22.15 -47.18
C GLY B 22 -9.02 22.33 -47.29
N SER B 23 -9.80 21.27 -47.16
CA SER B 23 -11.25 21.34 -47.29
C SER B 23 -11.99 21.76 -46.02
N SER B 24 -11.31 21.80 -44.86
CA SER B 24 -11.97 22.14 -43.61
C SER B 24 -11.10 23.06 -42.74
N VAL B 25 -11.74 23.83 -41.85
CA VAL B 25 -11.01 24.70 -40.94
C VAL B 25 -11.16 24.22 -39.49
N ARG B 26 -10.05 23.81 -38.87
CA ARG B 26 -10.08 23.38 -37.48
C ARG B 26 -9.75 24.59 -36.61
N ARG B 27 -10.61 24.88 -35.64
CA ARG B 27 -10.38 26.01 -34.75
C ARG B 27 -10.30 25.57 -33.30
N ARG B 28 -9.60 26.36 -32.50
CA ARG B 28 -9.54 26.19 -31.07
C ARG B 28 -10.21 27.42 -30.50
N ARG B 29 -11.21 27.21 -29.67
CA ARG B 29 -11.94 28.32 -29.06
C ARG B 29 -11.79 28.33 -27.54
N GLN B 30 -11.91 29.50 -26.93
CA GLN B 30 -11.82 29.64 -25.48
C GLN B 30 -12.95 30.48 -24.95
N CYS B 31 -13.64 30.00 -23.90
CA CYS B 31 -14.72 30.77 -23.29
C CYS B 31 -14.12 31.87 -22.46
N LEU B 32 -14.62 33.09 -22.58
CA LEU B 32 -14.09 34.18 -21.79
C LEU B 32 -14.60 34.20 -20.34
N VAL B 33 -15.67 33.44 -20.05
CA VAL B 33 -16.24 33.41 -18.71
C VAL B 33 -15.70 32.21 -17.91
N CYS B 34 -15.83 30.99 -18.43
CA CYS B 34 -15.36 29.81 -17.70
C CYS B 34 -13.92 29.38 -18.07
N ASN B 35 -13.31 30.02 -19.08
CA ASN B 35 -11.93 29.79 -19.55
C ASN B 35 -11.68 28.38 -20.10
N GLU B 36 -12.75 27.65 -20.44
CA GLU B 36 -12.59 26.32 -21.01
C GLU B 36 -12.24 26.40 -22.51
N ARG B 37 -11.47 25.43 -23.00
CA ARG B 37 -11.06 25.40 -24.39
C ARG B 37 -11.65 24.19 -25.11
N PHE B 38 -11.96 24.34 -26.39
CA PHE B 38 -12.57 23.28 -27.17
C PHE B 38 -12.25 23.42 -28.66
N THR B 39 -12.41 22.32 -29.40
CA THR B 39 -12.12 22.30 -30.82
C THR B 39 -13.40 22.33 -31.64
N THR B 40 -13.35 23.03 -32.77
CA THR B 40 -14.46 23.09 -33.70
C THR B 40 -13.95 22.76 -35.12
N PHE B 41 -14.88 22.37 -36.00
CA PHE B 41 -14.55 22.09 -37.39
C PHE B 41 -15.52 22.82 -38.28
N GLU B 42 -15.00 23.47 -39.33
CA GLU B 42 -15.81 24.20 -40.28
C GLU B 42 -15.81 23.42 -41.59
N VAL B 43 -16.99 22.94 -42.01
CA VAL B 43 -17.09 22.16 -43.24
C VAL B 43 -18.13 22.76 -44.20
N ALA B 44 -17.90 22.66 -45.51
CA ALA B 44 -18.83 23.17 -46.50
C ALA B 44 -20.08 22.27 -46.63
N GLU B 45 -21.22 22.86 -46.96
CA GLU B 45 -22.47 22.15 -47.18
C GLU B 45 -22.88 22.45 -48.63
N LEU B 46 -22.57 21.53 -49.56
CA LEU B 46 -22.82 21.78 -50.98
C LEU B 46 -23.98 21.02 -51.55
N VAL B 47 -24.49 21.51 -52.70
CA VAL B 47 -25.55 20.83 -53.45
C VAL B 47 -24.93 19.61 -54.12
N MET B 48 -25.55 18.45 -53.97
CA MET B 48 -25.06 17.23 -54.60
C MET B 48 -26.07 16.78 -55.65
N PRO B 49 -25.60 16.27 -56.79
CA PRO B 49 -26.55 15.74 -57.78
C PRO B 49 -27.39 14.59 -57.22
N ARG B 50 -28.61 14.45 -57.72
CA ARG B 50 -29.49 13.36 -57.32
C ARG B 50 -28.90 12.02 -57.84
N VAL B 51 -29.35 10.91 -57.29
CA VAL B 51 -28.85 9.60 -57.66
C VAL B 51 -29.87 8.83 -58.45
N VAL B 52 -29.52 8.38 -59.66
CA VAL B 52 -30.43 7.56 -60.46
C VAL B 52 -30.14 6.12 -60.06
N LYS B 53 -31.10 5.47 -59.41
CA LYS B 53 -30.91 4.11 -58.92
C LYS B 53 -31.02 3.10 -60.02
N SER B 54 -30.61 1.84 -59.77
CA SER B 54 -30.66 0.77 -60.77
C SER B 54 -32.04 0.60 -61.41
N ASN B 55 -33.13 0.83 -60.65
CA ASN B 55 -34.49 0.74 -61.17
C ASN B 55 -35.02 2.07 -61.79
N ASP B 56 -34.13 3.04 -62.04
CA ASP B 56 -34.37 4.36 -62.62
C ASP B 56 -35.13 5.33 -61.71
N VAL B 57 -35.29 4.99 -60.43
CA VAL B 57 -35.92 5.90 -59.48
C VAL B 57 -34.86 6.91 -59.04
N ARG B 58 -35.22 8.20 -58.96
CA ARG B 58 -34.26 9.22 -58.50
C ARG B 58 -34.44 9.42 -57.00
N GLU B 59 -33.33 9.62 -56.29
CA GLU B 59 -33.37 9.89 -54.86
C GLU B 59 -32.23 10.83 -54.51
N PRO B 60 -32.38 11.66 -53.46
CA PRO B 60 -31.30 12.61 -53.14
C PRO B 60 -30.02 11.90 -52.76
N PHE B 61 -28.87 12.57 -52.97
CA PHE B 61 -27.58 12.03 -52.60
C PHE B 61 -27.54 11.87 -51.07
N ASN B 62 -27.29 10.65 -50.59
CA ASN B 62 -27.27 10.33 -49.16
C ASN B 62 -25.85 9.91 -48.77
N GLU B 63 -25.13 10.81 -48.14
CA GLU B 63 -23.76 10.58 -47.70
C GLU B 63 -23.64 9.40 -46.74
N GLU B 64 -24.67 9.13 -45.92
CA GLU B 64 -24.64 8.01 -44.99
C GLU B 64 -24.72 6.69 -45.73
N LYS B 65 -25.48 6.62 -46.83
CA LYS B 65 -25.56 5.40 -47.63
C LYS B 65 -24.18 5.11 -48.23
N LEU B 66 -23.53 6.14 -48.73
CA LEU B 66 -22.19 6.04 -49.27
C LEU B 66 -21.20 5.53 -48.22
N ARG B 67 -21.23 6.10 -47.03
CA ARG B 67 -20.32 5.80 -45.93
C ARG B 67 -20.53 4.42 -45.30
N SER B 68 -21.79 4.04 -45.07
CA SER B 68 -22.06 2.77 -44.43
C SER B 68 -21.69 1.57 -45.30
N GLY B 69 -21.78 1.74 -46.62
CA GLY B 69 -21.41 0.70 -47.58
C GLY B 69 -19.92 0.44 -47.50
N MET B 70 -19.13 1.53 -47.45
CA MET B 70 -17.67 1.46 -47.34
C MET B 70 -17.25 0.89 -46.01
N LEU B 71 -17.92 1.29 -44.91
CA LEU B 71 -17.58 0.79 -43.59
C LEU B 71 -17.86 -0.69 -43.41
N ARG B 72 -18.82 -1.24 -44.15
CA ARG B 72 -19.09 -2.67 -44.09
C ARG B 72 -17.90 -3.41 -44.69
N ALA B 73 -17.39 -2.93 -45.83
CA ALA B 73 -16.23 -3.52 -46.48
C ALA B 73 -14.96 -3.34 -45.66
N LEU B 74 -14.82 -2.20 -44.98
CA LEU B 74 -13.64 -1.89 -44.22
C LEU B 74 -13.62 -2.47 -42.82
N GLU B 75 -14.55 -3.38 -42.48
CA GLU B 75 -14.59 -3.99 -41.16
C GLU B 75 -13.27 -4.64 -40.76
N LYS B 76 -12.73 -4.22 -39.62
CA LYS B 76 -11.49 -4.74 -39.06
C LYS B 76 -10.26 -4.48 -39.94
N ARG B 77 -10.34 -3.48 -40.84
CA ARG B 77 -9.20 -3.14 -41.71
C ARG B 77 -8.46 -1.92 -41.16
N PRO B 78 -7.13 -1.88 -41.32
CA PRO B 78 -6.36 -0.77 -40.74
C PRO B 78 -6.37 0.53 -41.54
N VAL B 79 -7.57 1.08 -41.76
CA VAL B 79 -7.75 2.34 -42.45
C VAL B 79 -8.40 3.29 -41.46
N SER B 80 -7.82 4.49 -41.28
CA SER B 80 -8.37 5.43 -40.31
C SER B 80 -9.67 6.08 -40.80
N SER B 81 -10.46 6.65 -39.87
CA SER B 81 -11.68 7.37 -40.26
C SER B 81 -11.35 8.58 -41.13
N ASP B 82 -10.16 9.18 -40.96
CA ASP B 82 -9.74 10.32 -41.76
C ASP B 82 -9.50 9.90 -43.20
N ASP B 83 -8.93 8.70 -43.42
CA ASP B 83 -8.71 8.17 -44.77
C ASP B 83 -10.05 7.93 -45.46
N VAL B 84 -11.04 7.41 -44.71
CA VAL B 84 -12.38 7.17 -45.22
C VAL B 84 -13.05 8.50 -45.55
N GLU B 85 -12.91 9.50 -44.69
CA GLU B 85 -13.50 10.81 -44.93
C GLU B 85 -12.85 11.53 -46.09
N MET B 86 -11.56 11.33 -46.31
CA MET B 86 -10.88 11.91 -47.47
C MET B 86 -11.33 11.21 -48.77
N ALA B 87 -11.58 9.88 -48.70
CA ALA B 87 -12.06 9.13 -49.83
C ALA B 87 -13.47 9.60 -50.18
N ILE B 88 -14.34 9.79 -49.16
CA ILE B 88 -15.70 10.28 -49.35
C ILE B 88 -15.70 11.70 -49.94
N ASN B 89 -14.84 12.58 -49.44
CA ASN B 89 -14.72 13.93 -49.98
C ASN B 89 -14.29 13.91 -51.44
N HIS B 90 -13.37 13.01 -51.80
CA HIS B 90 -12.91 12.87 -53.17
C HIS B 90 -14.05 12.39 -54.07
N ILE B 91 -14.86 11.40 -53.59
CA ILE B 91 -16.01 10.88 -54.35
C ILE B 91 -17.02 12.00 -54.63
N LYS B 92 -17.45 12.72 -53.57
CA LYS B 92 -18.40 13.82 -53.67
C LYS B 92 -17.87 14.90 -54.60
N SER B 93 -16.55 15.18 -54.56
CA SER B 93 -15.92 16.18 -55.41
C SER B 93 -16.02 15.79 -56.87
N GLN B 94 -15.81 14.51 -57.17
CA GLN B 94 -15.89 14.02 -58.55
C GLN B 94 -17.31 14.07 -59.08
N LEU B 95 -18.29 13.75 -58.25
CA LEU B 95 -19.70 13.82 -58.64
C LEU B 95 -20.08 15.26 -58.93
N ARG B 96 -19.63 16.20 -58.09
CA ARG B 96 -19.91 17.62 -58.28
C ARG B 96 -19.26 18.13 -59.56
N ALA B 97 -18.02 17.69 -59.84
CA ALA B 97 -17.28 18.11 -61.02
C ALA B 97 -17.98 17.74 -62.34
N THR B 98 -18.88 16.73 -62.34
CA THR B 98 -19.61 16.37 -63.56
C THR B 98 -20.55 17.51 -64.03
N GLY B 99 -20.99 18.34 -63.11
CA GLY B 99 -21.92 19.42 -63.42
C GLY B 99 -23.34 18.94 -63.69
N GLU B 100 -23.61 17.63 -63.49
CA GLU B 100 -24.90 17.03 -63.75
C GLU B 100 -25.87 17.22 -62.62
N ARG B 101 -27.14 17.31 -62.99
CA ARG B 101 -28.24 17.41 -62.05
C ARG B 101 -28.41 16.06 -61.33
N GLU B 102 -28.18 14.95 -62.03
CA GLU B 102 -28.27 13.62 -61.47
C GLU B 102 -27.15 12.73 -62.02
N VAL B 103 -26.69 11.77 -61.21
CA VAL B 103 -25.65 10.83 -61.60
C VAL B 103 -26.10 9.40 -61.28
N PRO B 104 -25.71 8.42 -62.10
CA PRO B 104 -26.14 7.05 -61.83
C PRO B 104 -25.47 6.43 -60.62
N SER B 105 -26.15 5.46 -60.01
CA SER B 105 -25.71 4.61 -58.89
C SER B 105 -24.32 4.03 -59.22
N LYS B 106 -24.19 3.47 -60.43
CA LYS B 106 -23.02 2.80 -61.01
C LYS B 106 -21.81 3.72 -60.94
N MET B 107 -21.99 5.03 -61.16
CA MET B 107 -20.89 5.98 -61.10
C MET B 107 -20.38 6.06 -59.67
N ILE B 108 -21.28 6.11 -58.69
CA ILE B 108 -20.89 6.15 -57.28
C ILE B 108 -20.15 4.90 -56.89
N GLY B 109 -20.71 3.73 -57.20
CA GLY B 109 -20.08 2.45 -56.88
C GLY B 109 -18.71 2.31 -57.51
N ASN B 110 -18.56 2.80 -58.75
CA ASN B 110 -17.29 2.75 -59.47
C ASN B 110 -16.25 3.64 -58.80
N LEU B 111 -16.67 4.82 -58.38
CA LEU B 111 -15.82 5.76 -57.68
C LEU B 111 -15.37 5.19 -56.33
N VAL B 112 -16.28 4.50 -55.60
CA VAL B 112 -15.96 3.89 -54.32
C VAL B 112 -14.91 2.80 -54.52
N MET B 113 -15.05 1.98 -55.58
CA MET B 113 -14.12 0.90 -55.90
C MET B 113 -12.71 1.42 -56.14
N GLU B 114 -12.57 2.57 -56.84
CA GLU B 114 -11.28 3.21 -57.08
C GLU B 114 -10.62 3.56 -55.75
N GLN B 115 -11.40 4.11 -54.81
CA GLN B 115 -10.88 4.47 -53.49
C GLN B 115 -10.49 3.25 -52.69
N LEU B 116 -11.34 2.23 -52.67
CA LEU B 116 -11.07 1.01 -51.94
C LEU B 116 -9.85 0.27 -52.47
N LYS B 117 -9.58 0.37 -53.79
CA LYS B 117 -8.41 -0.23 -54.43
C LYS B 117 -7.10 0.40 -53.90
N LYS B 118 -7.16 1.68 -53.50
CA LYS B 118 -6.04 2.44 -52.92
C LYS B 118 -5.96 2.22 -51.38
N LEU B 119 -7.11 2.17 -50.71
CA LEU B 119 -7.14 2.03 -49.26
C LEU B 119 -6.86 0.61 -48.76
N ASP B 120 -7.66 -0.39 -49.18
CA ASP B 120 -7.49 -1.75 -48.71
C ASP B 120 -8.07 -2.76 -49.69
N LYS B 121 -7.24 -3.67 -50.20
CA LYS B 121 -7.65 -4.67 -51.18
C LYS B 121 -8.68 -5.66 -50.66
N VAL B 122 -8.60 -6.04 -49.37
CA VAL B 122 -9.59 -6.95 -48.80
C VAL B 122 -10.95 -6.25 -48.77
N ALA B 123 -10.97 -4.95 -48.48
CA ALA B 123 -12.19 -4.17 -48.45
C ALA B 123 -12.79 -4.11 -49.85
N TYR B 124 -11.94 -3.91 -50.86
CA TYR B 124 -12.32 -3.89 -52.27
C TYR B 124 -13.07 -5.18 -52.66
N ILE B 125 -12.56 -6.35 -52.26
CA ILE B 125 -13.22 -7.61 -52.55
C ILE B 125 -14.55 -7.73 -51.87
N ARG B 126 -14.62 -7.41 -50.58
CA ARG B 126 -15.88 -7.45 -49.83
C ARG B 126 -16.95 -6.57 -50.51
N PHE B 127 -16.59 -5.31 -50.86
CA PHE B 127 -17.51 -4.40 -51.53
C PHE B 127 -17.91 -4.96 -52.90
N ALA B 128 -16.92 -5.38 -53.73
CA ALA B 128 -17.18 -5.95 -55.05
C ALA B 128 -18.10 -7.15 -54.98
N SER B 129 -18.03 -7.97 -53.93
CA SER B 129 -18.88 -9.14 -53.80
C SER B 129 -20.37 -8.82 -53.72
N VAL B 130 -20.70 -7.61 -53.22
CA VAL B 130 -22.08 -7.16 -53.12
C VAL B 130 -22.42 -6.24 -54.29
N TYR B 131 -21.55 -5.27 -54.60
CA TYR B 131 -21.75 -4.35 -55.72
C TYR B 131 -21.89 -5.07 -57.05
N ARG B 132 -21.06 -6.10 -57.28
CA ARG B 132 -21.13 -6.92 -58.50
C ARG B 132 -21.95 -8.20 -58.30
N SER B 133 -22.70 -8.29 -57.17
CA SER B 133 -23.59 -9.35 -56.77
C SER B 133 -23.12 -10.76 -57.18
N PHE B 134 -22.08 -11.27 -56.50
CA PHE B 134 -21.52 -12.59 -56.76
C PHE B 134 -22.55 -13.67 -56.47
N GLU B 135 -22.72 -14.62 -57.39
CA GLU B 135 -23.65 -15.73 -57.22
C GLU B 135 -22.97 -17.07 -56.94
N ASP B 136 -21.70 -17.21 -57.32
CA ASP B 136 -20.87 -18.42 -57.08
C ASP B 136 -19.68 -17.97 -56.29
N ILE B 137 -19.14 -18.90 -55.52
CA ILE B 137 -17.96 -18.68 -54.74
C ILE B 137 -16.70 -18.46 -55.60
N LYS B 138 -16.69 -18.98 -56.84
CA LYS B 138 -15.53 -18.79 -57.73
C LYS B 138 -15.35 -17.33 -58.16
N GLU B 139 -16.39 -16.51 -58.06
CA GLU B 139 -16.30 -15.10 -58.40
C GLU B 139 -15.33 -14.33 -57.50
N PHE B 140 -15.01 -14.85 -56.31
CA PHE B 140 -14.04 -14.18 -55.44
C PHE B 140 -12.65 -14.26 -56.07
N GLY B 141 -12.25 -15.46 -56.52
CA GLY B 141 -10.96 -15.65 -57.15
C GLY B 141 -10.83 -14.84 -58.42
N GLU B 142 -11.91 -14.78 -59.20
CA GLU B 142 -11.95 -14.03 -60.45
C GLU B 142 -11.80 -12.54 -60.20
N GLU B 143 -12.41 -12.02 -59.13
CA GLU B 143 -12.29 -10.62 -58.78
C GLU B 143 -10.88 -10.31 -58.30
N ILE B 144 -10.24 -11.26 -57.59
CA ILE B 144 -8.87 -11.14 -57.11
C ILE B 144 -7.91 -11.04 -58.28
N ALA B 145 -8.11 -11.93 -59.28
CA ALA B 145 -7.29 -11.96 -60.48
C ALA B 145 -7.43 -10.67 -61.27
N ARG B 146 -8.63 -10.10 -61.33
CA ARG B 146 -8.88 -8.85 -62.03
C ARG B 146 -8.31 -7.67 -61.27
N LEU B 147 -8.44 -7.68 -59.93
CA LEU B 147 -7.95 -6.61 -59.05
C LEU B 147 -6.44 -6.51 -59.20
N GLU B 148 -5.76 -7.66 -59.06
CA GLU B 148 -4.30 -7.74 -59.22
C GLU B 148 -3.84 -7.36 -60.63
N ASP B 149 -4.74 -7.41 -61.62
CA ASP B 149 -4.48 -7.06 -63.01
C ASP B 149 -4.68 -5.57 -63.32
N HIS B 150 -5.05 -4.73 -62.33
CA HIS B 150 -5.20 -3.30 -62.60
C HIS B 150 -4.75 -2.45 -61.42
N MET C 1 -10.06 28.26 -46.00
CA MET C 1 -10.68 27.10 -46.63
C MET C 1 -10.54 27.12 -48.16
N HIS C 2 -10.21 25.98 -48.76
CA HIS C 2 -10.09 25.85 -50.21
C HIS C 2 -11.46 25.83 -50.87
N CYS C 3 -11.53 26.34 -52.09
CA CYS C 3 -12.76 26.36 -52.84
C CYS C 3 -13.13 24.95 -53.25
N PRO C 4 -14.34 24.50 -52.92
CA PRO C 4 -14.76 23.16 -53.37
C PRO C 4 -15.11 23.09 -54.88
N PHE C 5 -15.13 24.23 -55.57
CA PHE C 5 -15.47 24.27 -56.98
C PHE C 5 -14.23 24.32 -57.87
N CYS C 6 -13.36 25.32 -57.69
CA CYS C 6 -12.17 25.41 -58.52
C CYS C 6 -10.88 24.99 -57.84
N PHE C 7 -10.93 24.71 -56.54
CA PHE C 7 -9.79 24.26 -55.73
C PHE C 7 -8.71 25.31 -55.54
N ALA C 8 -9.07 26.60 -55.64
CA ALA C 8 -8.18 27.70 -55.30
C ALA C 8 -8.02 27.64 -53.76
N VAL C 9 -6.82 27.92 -53.26
CA VAL C 9 -6.57 27.80 -51.81
C VAL C 9 -7.25 28.91 -50.96
N ASP C 10 -7.73 29.99 -51.63
CA ASP C 10 -8.31 31.15 -50.96
C ASP C 10 -9.82 31.40 -51.11
N THR C 11 -10.55 31.31 -49.98
CA THR C 11 -11.95 31.69 -49.88
C THR C 11 -12.07 32.68 -48.75
N LYS C 12 -12.81 33.73 -49.02
CA LYS C 12 -13.05 34.83 -48.10
C LYS C 12 -14.41 34.62 -47.42
N VAL C 13 -14.49 34.88 -46.12
CA VAL C 13 -15.76 34.78 -45.40
C VAL C 13 -16.48 36.10 -45.66
N ILE C 14 -17.60 36.06 -46.37
CA ILE C 14 -18.36 37.27 -46.67
C ILE C 14 -19.57 37.48 -45.73
N ASP C 15 -19.98 36.44 -44.98
CA ASP C 15 -21.07 36.56 -44.02
C ASP C 15 -20.99 35.50 -42.93
N SER C 16 -21.49 35.82 -41.73
CA SER C 16 -21.46 34.91 -40.60
C SER C 16 -22.72 35.07 -39.75
N ARG C 17 -23.32 33.96 -39.27
CA ARG C 17 -24.56 33.99 -38.48
C ARG C 17 -24.60 32.82 -37.49
N LEU C 18 -25.13 33.03 -36.27
CA LEU C 18 -25.26 31.96 -35.28
C LEU C 18 -26.48 31.13 -35.57
N VAL C 19 -26.32 29.82 -35.53
CA VAL C 19 -27.42 28.87 -35.75
C VAL C 19 -27.38 27.79 -34.65
N GLY C 20 -28.45 27.00 -34.53
CA GLY C 20 -28.52 25.92 -33.57
C GLY C 20 -28.50 26.41 -32.15
N GLU C 21 -29.26 27.49 -31.88
CA GLU C 21 -29.36 28.13 -30.56
C GLU C 21 -27.97 28.60 -30.08
N GLY C 22 -27.19 29.16 -31.00
CA GLY C 22 -25.84 29.68 -30.71
C GLY C 22 -24.72 28.65 -30.65
N SER C 23 -25.04 27.37 -30.81
CA SER C 23 -24.03 26.31 -30.75
C SER C 23 -23.25 26.09 -32.05
N SER C 24 -23.68 26.69 -33.18
CA SER C 24 -22.99 26.54 -34.44
C SER C 24 -22.85 27.87 -35.20
N VAL C 25 -21.80 28.00 -36.01
CA VAL C 25 -21.60 29.20 -36.79
C VAL C 25 -21.78 28.91 -38.28
N ARG C 26 -22.78 29.53 -38.89
CA ARG C 26 -23.03 29.37 -40.32
C ARG C 26 -22.29 30.48 -41.04
N ARG C 27 -21.46 30.13 -42.02
CA ARG C 27 -20.73 31.12 -42.79
C ARG C 27 -21.04 31.03 -44.26
N ARG C 28 -20.90 32.16 -44.94
CA ARG C 28 -21.07 32.24 -46.37
C ARG C 28 -19.68 32.63 -46.90
N ARG C 29 -19.10 31.77 -47.74
CA ARG C 29 -17.76 32.00 -48.25
C ARG C 29 -17.79 32.26 -49.75
N GLN C 30 -16.80 33.00 -50.22
CA GLN C 30 -16.69 33.33 -51.63
C GLN C 30 -15.27 33.04 -52.12
N CYS C 31 -15.18 32.28 -53.22
CA CYS C 31 -13.88 32.04 -53.82
C CYS C 31 -13.41 33.31 -54.51
N LEU C 32 -12.16 33.68 -54.31
CA LEU C 32 -11.59 34.87 -54.94
C LEU C 32 -11.21 34.68 -56.40
N VAL C 33 -11.11 33.43 -56.86
CA VAL C 33 -10.72 33.14 -58.22
C VAL C 33 -11.96 32.92 -59.10
N CYS C 34 -12.83 31.97 -58.73
CA CYS C 34 -14.03 31.67 -59.53
C CYS C 34 -15.27 32.46 -59.13
N ASN C 35 -15.19 33.25 -58.04
CA ASN C 35 -16.27 34.09 -57.50
C ASN C 35 -17.53 33.33 -57.08
N GLU C 36 -17.44 31.98 -56.99
CA GLU C 36 -18.59 31.21 -56.54
C GLU C 36 -18.74 31.28 -55.01
N ARG C 37 -19.98 31.17 -54.56
CA ARG C 37 -20.33 31.28 -53.16
C ARG C 37 -20.91 29.96 -52.62
N PHE C 38 -20.61 29.66 -51.36
CA PHE C 38 -21.04 28.43 -50.71
C PHE C 38 -21.19 28.61 -49.20
N THR C 39 -21.92 27.70 -48.56
CA THR C 39 -22.18 27.76 -47.13
C THR C 39 -21.32 26.76 -46.38
N THR C 40 -20.91 27.14 -45.17
CA THR C 40 -20.16 26.27 -44.29
C THR C 40 -20.79 26.30 -42.88
N PHE C 41 -20.51 25.27 -42.09
CA PHE C 41 -20.99 25.19 -40.73
C PHE C 41 -19.84 24.87 -39.81
N GLU C 42 -19.74 25.58 -38.69
CA GLU C 42 -18.72 25.36 -37.69
C GLU C 42 -19.37 24.72 -36.48
N VAL C 43 -18.97 23.49 -36.13
CA VAL C 43 -19.57 22.78 -35.02
C VAL C 43 -18.49 22.28 -34.06
N ALA C 44 -18.77 22.33 -32.75
CA ALA C 44 -17.82 21.88 -31.74
C ALA C 44 -17.73 20.35 -31.67
N GLU C 45 -16.54 19.84 -31.29
CA GLU C 45 -16.26 18.42 -31.11
C GLU C 45 -16.36 18.04 -29.63
N LEU C 46 -17.58 17.71 -29.16
CA LEU C 46 -17.80 17.37 -27.76
C LEU C 46 -17.78 15.86 -27.57
N VAL C 47 -16.60 15.28 -27.62
CA VAL C 47 -16.41 13.85 -27.47
C VAL C 47 -15.44 13.66 -26.34
N MET C 48 -15.86 13.02 -25.25
CA MET C 48 -14.93 12.72 -24.15
C MET C 48 -13.99 11.62 -24.63
N PRO C 49 -12.70 11.66 -24.26
CA PRO C 49 -11.79 10.59 -24.67
C PRO C 49 -12.24 9.21 -24.18
N ARG C 50 -11.94 8.16 -24.95
CA ARG C 50 -12.26 6.79 -24.55
C ARG C 50 -11.40 6.43 -23.33
N VAL C 51 -11.77 5.37 -22.63
CA VAL C 51 -11.07 4.97 -21.43
C VAL C 51 -10.32 3.67 -21.63
N VAL C 52 -9.02 3.68 -21.37
CA VAL C 52 -8.22 2.47 -21.46
C VAL C 52 -8.27 1.84 -20.07
N LYS C 53 -8.97 0.72 -19.91
CA LYS C 53 -9.08 0.06 -18.61
C LYS C 53 -7.80 -0.64 -18.19
N SER C 54 -7.73 -1.12 -16.94
CA SER C 54 -6.56 -1.81 -16.41
C SER C 54 -6.09 -2.97 -17.27
N ASN C 55 -7.02 -3.70 -17.89
CA ASN C 55 -6.70 -4.85 -18.76
C ASN C 55 -6.51 -4.46 -20.25
N ASP C 56 -6.36 -3.14 -20.52
CA ASP C 56 -6.13 -2.54 -21.84
C ASP C 56 -7.35 -2.59 -22.79
N VAL C 57 -8.53 -2.90 -22.25
CA VAL C 57 -9.76 -2.87 -23.05
C VAL C 57 -10.20 -1.42 -23.13
N ARG C 58 -10.62 -0.95 -24.31
CA ARG C 58 -11.11 0.43 -24.44
C ARG C 58 -12.63 0.43 -24.30
N GLU C 59 -13.15 1.47 -23.67
CA GLU C 59 -14.59 1.63 -23.54
C GLU C 59 -14.94 3.10 -23.51
N PRO C 60 -16.12 3.49 -24.00
CA PRO C 60 -16.45 4.92 -24.01
C PRO C 60 -16.53 5.51 -22.62
N PHE C 61 -16.21 6.80 -22.50
CA PHE C 61 -16.28 7.50 -21.22
C PHE C 61 -17.72 7.46 -20.68
N ASN C 62 -17.89 6.95 -19.47
CA ASN C 62 -19.21 6.79 -18.86
C ASN C 62 -19.27 7.64 -17.60
N GLU C 63 -19.93 8.80 -17.70
CA GLU C 63 -20.09 9.72 -16.58
C GLU C 63 -20.74 9.08 -15.35
N GLU C 64 -21.68 8.15 -15.58
CA GLU C 64 -22.37 7.48 -14.50
C GLU C 64 -21.45 6.56 -13.70
N LYS C 65 -20.51 5.85 -14.36
CA LYS C 65 -19.56 5.00 -13.64
C LYS C 65 -18.70 5.88 -12.69
N LEU C 66 -18.23 7.03 -13.22
CA LEU C 66 -17.40 8.00 -12.50
C LEU C 66 -18.13 8.51 -11.26
N ARG C 67 -19.38 8.96 -11.44
CA ARG C 67 -20.21 9.49 -10.37
C ARG C 67 -20.58 8.41 -9.32
N SER C 68 -20.96 7.21 -9.79
CA SER C 68 -21.34 6.05 -8.96
C SER C 68 -20.22 5.69 -7.96
N GLY C 69 -18.97 5.75 -8.40
CA GLY C 69 -17.83 5.45 -7.54
C GLY C 69 -17.62 6.51 -6.48
N MET C 70 -17.82 7.78 -6.84
CA MET C 70 -17.67 8.88 -5.91
C MET C 70 -18.78 8.87 -4.88
N LEU C 71 -20.02 8.56 -5.30
CA LEU C 71 -21.14 8.52 -4.34
C LEU C 71 -21.02 7.36 -3.35
N ARG C 72 -20.35 6.27 -3.71
CA ARG C 72 -20.12 5.17 -2.78
C ARG C 72 -19.15 5.68 -1.69
N ALA C 73 -18.06 6.37 -2.09
CA ALA C 73 -17.09 6.91 -1.17
C ALA C 73 -17.68 8.02 -0.29
N LEU C 74 -18.60 8.83 -0.84
CA LEU C 74 -19.20 9.94 -0.13
C LEU C 74 -20.40 9.58 0.71
N GLU C 75 -20.68 8.29 0.94
CA GLU C 75 -21.83 7.86 1.72
C GLU C 75 -21.84 8.47 3.10
N LYS C 76 -22.95 9.13 3.45
CA LYS C 76 -23.14 9.75 4.76
C LYS C 76 -22.18 10.92 5.06
N ARG C 77 -21.55 11.48 4.02
CA ARG C 77 -20.62 12.60 4.19
C ARG C 77 -21.30 13.93 3.89
N PRO C 78 -20.91 15.02 4.58
CA PRO C 78 -21.58 16.31 4.34
C PRO C 78 -21.09 17.08 3.11
N VAL C 79 -21.24 16.47 1.94
CA VAL C 79 -20.83 17.05 0.67
C VAL C 79 -22.09 17.12 -0.19
N SER C 80 -22.41 18.33 -0.70
CA SER C 80 -23.62 18.51 -1.48
C SER C 80 -23.51 17.94 -2.88
N SER C 81 -24.64 17.71 -3.57
CA SER C 81 -24.64 17.23 -4.95
C SER C 81 -23.99 18.28 -5.88
N ASP C 82 -24.06 19.58 -5.53
CA ASP C 82 -23.45 20.64 -6.32
C ASP C 82 -21.93 20.53 -6.26
N ASP C 83 -21.39 20.22 -5.08
CA ASP C 83 -19.94 20.02 -4.90
C ASP C 83 -19.47 18.84 -5.74
N VAL C 84 -20.24 17.75 -5.75
CA VAL C 84 -19.95 16.56 -6.51
C VAL C 84 -20.00 16.85 -8.00
N GLU C 85 -21.02 17.59 -8.44
CA GLU C 85 -21.15 17.94 -9.85
C GLU C 85 -20.04 18.86 -10.31
N MET C 86 -19.59 19.78 -9.44
CA MET C 86 -18.48 20.65 -9.80
C MET C 86 -17.17 19.86 -9.88
N ALA C 87 -17.01 18.85 -8.99
CA ALA C 87 -15.83 17.99 -8.99
C ALA C 87 -15.80 17.17 -10.28
N ILE C 88 -16.96 16.62 -10.67
CA ILE C 88 -17.09 15.84 -11.90
C ILE C 88 -16.77 16.71 -13.13
N ASN C 89 -17.33 17.94 -13.18
CA ASN C 89 -17.06 18.87 -14.26
C ASN C 89 -15.57 19.20 -14.36
N HIS C 90 -14.92 19.36 -13.20
CA HIS C 90 -13.50 19.65 -13.18
C HIS C 90 -12.68 18.49 -13.72
N ILE C 91 -13.03 17.26 -13.33
CA ILE C 91 -12.35 16.06 -13.79
C ILE C 91 -12.50 15.92 -15.30
N LYS C 92 -13.72 16.14 -15.82
CA LYS C 92 -14.02 16.07 -17.25
C LYS C 92 -13.23 17.13 -18.02
N SER C 93 -13.12 18.33 -17.45
CA SER C 93 -12.35 19.43 -18.05
C SER C 93 -10.90 19.05 -18.18
N GLN C 94 -10.33 18.39 -17.15
CA GLN C 94 -8.93 17.99 -17.18
C GLN C 94 -8.68 16.87 -18.18
N LEU C 95 -9.61 15.93 -18.31
CA LEU C 95 -9.48 14.86 -19.29
C LEU C 95 -9.51 15.42 -20.71
N ARG C 96 -10.43 16.38 -20.96
CA ARG C 96 -10.54 17.05 -22.24
C ARG C 96 -9.27 17.86 -22.55
N ALA C 97 -8.71 18.55 -21.54
CA ALA C 97 -7.50 19.36 -21.71
C ALA C 97 -6.28 18.57 -22.15
N THR C 98 -6.28 17.23 -21.93
CA THR C 98 -5.14 16.42 -22.39
C THR C 98 -5.03 16.38 -23.92
N GLY C 99 -6.15 16.56 -24.61
CA GLY C 99 -6.19 16.48 -26.07
C GLY C 99 -6.02 15.07 -26.61
N GLU C 100 -6.14 14.07 -25.74
CA GLU C 100 -5.97 12.68 -26.12
C GLU C 100 -7.26 12.04 -26.58
N ARG C 101 -7.13 11.10 -27.51
CA ARG C 101 -8.24 10.31 -28.02
C ARG C 101 -8.73 9.39 -26.91
N GLU C 102 -7.79 8.81 -26.14
CA GLU C 102 -8.09 7.91 -25.04
C GLU C 102 -7.20 8.24 -23.85
N VAL C 103 -7.74 8.03 -22.64
CA VAL C 103 -7.02 8.27 -21.39
C VAL C 103 -7.14 7.03 -20.52
N PRO C 104 -6.07 6.64 -19.81
CA PRO C 104 -6.16 5.45 -18.96
C PRO C 104 -7.09 5.66 -17.75
N SER C 105 -7.80 4.61 -17.30
CA SER C 105 -8.69 4.74 -16.14
C SER C 105 -7.92 5.20 -14.88
N LYS C 106 -6.60 4.92 -14.82
CA LYS C 106 -5.68 5.33 -13.77
C LYS C 106 -5.65 6.87 -13.66
N MET C 107 -5.77 7.58 -14.81
CA MET C 107 -5.82 9.03 -14.78
C MET C 107 -7.12 9.50 -14.16
N ILE C 108 -8.24 8.83 -14.49
CA ILE C 108 -9.53 9.19 -13.94
C ILE C 108 -9.54 8.99 -12.42
N GLY C 109 -9.04 7.84 -11.96
CA GLY C 109 -8.93 7.53 -10.54
C GLY C 109 -8.08 8.53 -9.76
N ASN C 110 -6.88 8.86 -10.29
CA ASN C 110 -6.01 9.86 -9.66
C ASN C 110 -6.72 11.22 -9.57
N LEU C 111 -7.43 11.60 -10.63
CA LEU C 111 -8.18 12.85 -10.66
C LEU C 111 -9.33 12.85 -9.64
N VAL C 112 -10.04 11.72 -9.47
CA VAL C 112 -11.15 11.68 -8.51
C VAL C 112 -10.59 11.78 -7.09
N MET C 113 -9.46 11.12 -6.80
CA MET C 113 -8.85 11.19 -5.49
C MET C 113 -8.41 12.60 -5.16
N GLU C 114 -7.94 13.35 -6.14
CA GLU C 114 -7.51 14.73 -5.96
C GLU C 114 -8.70 15.59 -5.51
N GLN C 115 -9.90 15.34 -6.08
CA GLN C 115 -11.13 16.04 -5.73
C GLN C 115 -11.63 15.61 -4.35
N LEU C 116 -11.60 14.30 -4.08
CA LEU C 116 -12.05 13.73 -2.83
C LEU C 116 -11.20 14.22 -1.66
N LYS C 117 -9.90 14.42 -1.87
CA LYS C 117 -9.01 14.93 -0.84
C LYS C 117 -9.48 16.34 -0.39
N LYS C 118 -9.94 17.16 -1.37
CA LYS C 118 -10.47 18.52 -1.10
C LYS C 118 -11.86 18.45 -0.47
N LEU C 119 -12.74 17.56 -0.98
CA LEU C 119 -14.11 17.45 -0.49
C LEU C 119 -14.26 16.80 0.89
N ASP C 120 -13.76 15.56 1.07
CA ASP C 120 -13.91 14.86 2.33
C ASP C 120 -12.84 13.78 2.45
N LYS C 121 -12.00 13.86 3.49
CA LYS C 121 -10.91 12.92 3.66
C LYS C 121 -11.38 11.50 3.97
N VAL C 122 -12.54 11.31 4.62
CA VAL C 122 -13.07 9.97 4.87
C VAL C 122 -13.42 9.31 3.54
N ALA C 123 -14.07 10.08 2.66
CA ALA C 123 -14.43 9.61 1.32
C ALA C 123 -13.17 9.22 0.54
N TYR C 124 -12.11 10.03 0.65
CA TYR C 124 -10.83 9.75 0.02
C TYR C 124 -10.28 8.39 0.43
N ILE C 125 -10.26 8.07 1.72
CA ILE C 125 -9.77 6.79 2.19
C ILE C 125 -10.63 5.64 1.70
N ARG C 126 -11.97 5.82 1.70
CA ARG C 126 -12.90 4.80 1.22
C ARG C 126 -12.63 4.47 -0.24
N PHE C 127 -12.52 5.51 -1.07
CA PHE C 127 -12.24 5.34 -2.49
C PHE C 127 -10.87 4.67 -2.67
N ALA C 128 -9.82 5.19 -2.01
CA ALA C 128 -8.49 4.62 -2.10
C ALA C 128 -8.45 3.15 -1.70
N SER C 129 -9.29 2.73 -0.75
CA SER C 129 -9.29 1.33 -0.31
C SER C 129 -9.67 0.37 -1.42
N VAL C 130 -10.46 0.83 -2.39
CA VAL C 130 -10.88 0.02 -3.53
C VAL C 130 -9.99 0.32 -4.74
N TYR C 131 -9.76 1.60 -5.05
CA TYR C 131 -8.91 2.02 -6.18
C TYR C 131 -7.51 1.47 -6.06
N ARG C 132 -6.97 1.50 -4.86
CA ARG C 132 -5.65 0.98 -4.59
C ARG C 132 -5.66 -0.50 -4.16
N SER C 133 -6.84 -1.15 -4.17
CA SER C 133 -7.14 -2.53 -3.82
C SER C 133 -6.42 -3.02 -2.58
N PHE C 134 -6.81 -2.52 -1.39
CA PHE C 134 -6.17 -2.90 -0.13
C PHE C 134 -6.32 -4.39 0.13
N GLU C 135 -5.21 -5.07 0.42
CA GLU C 135 -5.26 -6.51 0.76
C GLU C 135 -5.14 -6.72 2.27
N ASP C 136 -4.58 -5.73 3.02
CA ASP C 136 -4.42 -5.83 4.46
C ASP C 136 -4.98 -4.58 5.13
N ILE C 137 -5.51 -4.74 6.36
CA ILE C 137 -6.04 -3.59 7.08
C ILE C 137 -4.97 -2.53 7.38
N LYS C 138 -3.71 -2.91 7.45
CA LYS C 138 -2.63 -1.95 7.68
C LYS C 138 -2.54 -0.87 6.56
N GLU C 139 -3.13 -1.15 5.39
CA GLU C 139 -3.10 -0.21 4.29
C GLU C 139 -3.86 1.06 4.59
N PHE C 140 -4.88 1.01 5.47
CA PHE C 140 -5.66 2.19 5.81
C PHE C 140 -4.77 3.20 6.53
N GLY C 141 -4.03 2.74 7.55
CA GLY C 141 -3.11 3.61 8.27
C GLY C 141 -2.00 4.13 7.37
N GLU C 142 -1.51 3.26 6.49
CA GLU C 142 -0.48 3.56 5.51
C GLU C 142 -0.96 4.67 4.54
N GLU C 143 -2.22 4.62 4.09
CA GLU C 143 -2.82 5.63 3.21
C GLU C 143 -3.03 6.94 3.96
N ILE C 144 -3.40 6.86 5.26
CA ILE C 144 -3.61 8.02 6.11
C ILE C 144 -2.29 8.75 6.32
N ALA C 145 -1.20 8.02 6.58
CA ALA C 145 0.13 8.58 6.76
C ALA C 145 0.57 9.35 5.52
N ARG C 146 0.26 8.80 4.33
CA ARG C 146 0.58 9.40 3.05
C ARG C 146 -0.21 10.69 2.81
N LEU C 147 -1.43 10.76 3.32
CA LEU C 147 -2.31 11.93 3.17
C LEU C 147 -1.95 13.00 4.21
N GLU C 148 -1.62 12.57 5.45
CA GLU C 148 -1.25 13.44 6.58
C GLU C 148 0.14 14.09 6.40
N ASP C 149 0.53 14.33 5.14
CA ASP C 149 1.76 15.00 4.71
C ASP C 149 1.33 15.95 3.57
N HIS C 150 0.68 15.39 2.52
CA HIS C 150 0.22 16.15 1.36
C HIS C 150 -0.78 15.29 0.56
N MET D 1 -43.14 -29.33 -14.20
CA MET D 1 -43.06 -27.99 -14.78
C MET D 1 -43.43 -28.02 -16.27
N HIS D 2 -44.21 -27.05 -16.73
CA HIS D 2 -44.60 -26.99 -18.13
C HIS D 2 -43.46 -26.43 -18.97
N CYS D 3 -43.36 -26.85 -20.23
CA CYS D 3 -42.30 -26.39 -21.11
C CYS D 3 -42.47 -24.91 -21.40
N PRO D 4 -41.44 -24.11 -21.14
CA PRO D 4 -41.55 -22.67 -21.45
C PRO D 4 -41.46 -22.37 -22.96
N PHE D 5 -41.14 -23.38 -23.79
CA PHE D 5 -40.97 -23.19 -25.21
C PHE D 5 -42.19 -23.62 -25.98
N CYS D 6 -42.66 -24.88 -25.84
CA CYS D 6 -43.84 -25.34 -26.59
C CYS D 6 -45.11 -25.45 -25.75
N PHE D 7 -45.00 -25.26 -24.42
CA PHE D 7 -46.13 -25.29 -23.49
C PHE D 7 -46.75 -26.68 -23.31
N ALA D 8 -45.96 -27.74 -23.56
CA ALA D 8 -46.35 -29.12 -23.25
C ALA D 8 -46.33 -29.21 -21.70
N VAL D 9 -47.23 -30.01 -21.12
CA VAL D 9 -47.43 -30.03 -19.67
C VAL D 9 -46.38 -30.71 -18.76
N ASP D 10 -45.59 -31.72 -19.18
CA ASP D 10 -44.73 -32.40 -18.19
C ASP D 10 -43.29 -32.61 -18.59
N THR D 11 -42.42 -31.67 -18.22
CA THR D 11 -41.01 -31.78 -18.52
C THR D 11 -40.37 -32.80 -17.60
N LYS D 12 -39.43 -33.54 -18.12
CA LYS D 12 -38.74 -34.56 -17.36
C LYS D 12 -37.47 -33.96 -16.73
N VAL D 13 -37.19 -34.29 -15.46
CA VAL D 13 -35.95 -33.85 -14.84
C VAL D 13 -34.90 -34.83 -15.29
N ILE D 14 -33.94 -34.38 -16.09
CA ILE D 14 -32.90 -35.28 -16.60
C ILE D 14 -31.61 -35.21 -15.76
N ASP D 15 -31.43 -34.15 -14.96
CA ASP D 15 -30.27 -34.05 -14.09
C ASP D 15 -30.55 -33.14 -12.89
N SER D 16 -29.92 -33.45 -11.76
CA SER D 16 -30.08 -32.67 -10.53
C SER D 16 -28.77 -32.64 -9.79
N ARG D 17 -28.42 -31.49 -9.23
CA ARG D 17 -27.13 -31.32 -8.57
C ARG D 17 -27.19 -30.16 -7.54
N LEU D 18 -26.56 -30.32 -6.37
CA LEU D 18 -26.55 -29.28 -5.34
C LEU D 18 -25.59 -28.17 -5.71
N VAL D 19 -26.03 -26.94 -5.56
CA VAL D 19 -25.21 -25.76 -5.84
C VAL D 19 -25.34 -24.75 -4.67
N GLY D 20 -24.48 -23.74 -4.65
CA GLY D 20 -24.50 -22.72 -3.61
C GLY D 20 -24.21 -23.29 -2.25
N GLU D 21 -23.21 -24.19 -2.21
CA GLU D 21 -22.76 -24.92 -1.01
C GLU D 21 -23.90 -25.67 -0.32
N GLY D 22 -24.75 -26.30 -1.13
CA GLY D 22 -25.87 -27.11 -0.68
C GLY D 22 -27.17 -26.37 -0.44
N SER D 23 -27.17 -25.05 -0.57
CA SER D 23 -28.38 -24.26 -0.32
C SER D 23 -29.38 -24.20 -1.49
N SER D 24 -28.95 -24.60 -2.70
CA SER D 24 -29.85 -24.59 -3.86
C SER D 24 -29.77 -25.85 -4.70
N VAL D 25 -30.85 -26.17 -5.43
CA VAL D 25 -30.85 -27.35 -6.31
C VAL D 25 -30.92 -26.92 -7.75
N ARG D 26 -29.87 -27.24 -8.52
CA ARG D 26 -29.86 -26.93 -9.95
C ARG D 26 -30.38 -28.13 -10.69
N ARG D 27 -31.39 -27.94 -11.53
CA ARG D 27 -31.95 -29.02 -12.32
C ARG D 27 -31.82 -28.76 -13.81
N ARG D 28 -31.77 -29.83 -14.57
CA ARG D 28 -31.73 -29.75 -16.01
C ARG D 28 -33.02 -30.47 -16.43
N ARG D 29 -33.90 -29.77 -17.15
CA ARG D 29 -35.18 -30.32 -17.56
C ARG D 29 -35.30 -30.42 -19.07
N GLN D 30 -35.98 -31.46 -19.54
CA GLN D 30 -36.16 -31.71 -20.97
C GLN D 30 -37.64 -31.87 -21.32
N CYS D 31 -38.13 -31.16 -22.35
CA CYS D 31 -39.51 -31.32 -22.79
C CYS D 31 -39.59 -32.60 -23.62
N LEU D 32 -40.57 -33.45 -23.34
CA LEU D 32 -40.70 -34.71 -24.07
C LEU D 32 -41.30 -34.55 -25.46
N VAL D 33 -41.91 -33.39 -25.76
CA VAL D 33 -42.53 -33.21 -27.07
C VAL D 33 -41.59 -32.42 -27.99
N CYS D 34 -41.07 -31.27 -27.56
CA CYS D 34 -40.18 -30.47 -28.41
C CYS D 34 -38.68 -30.76 -28.21
N ASN D 35 -38.35 -31.60 -27.19
CA ASN D 35 -36.98 -32.03 -26.86
C ASN D 35 -36.05 -30.91 -26.45
N GLU D 36 -36.59 -29.73 -26.09
CA GLU D 36 -35.76 -28.61 -25.66
C GLU D 36 -35.29 -28.83 -24.23
N ARG D 37 -34.08 -28.34 -23.91
CA ARG D 37 -33.51 -28.50 -22.59
C ARG D 37 -33.29 -27.14 -21.93
N PHE D 38 -33.50 -27.06 -20.62
CA PHE D 38 -33.36 -25.81 -19.90
C PHE D 38 -32.94 -26.05 -18.45
N THR D 39 -32.38 -25.02 -17.83
CA THR D 39 -31.92 -25.10 -16.46
C THR D 39 -32.89 -24.41 -15.52
N THR D 40 -33.03 -24.97 -14.31
CA THR D 40 -33.86 -24.39 -13.27
C THR D 40 -33.06 -24.33 -11.96
N PHE D 41 -33.45 -23.45 -11.07
CA PHE D 41 -32.83 -23.35 -9.75
C PHE D 41 -33.91 -23.35 -8.70
N GLU D 42 -33.70 -24.14 -7.65
CA GLU D 42 -34.64 -24.25 -6.55
C GLU D 42 -34.03 -23.55 -5.34
N VAL D 43 -34.64 -22.46 -4.89
CA VAL D 43 -34.10 -21.70 -3.77
C VAL D 43 -35.17 -21.52 -2.68
N ALA D 44 -34.74 -21.51 -1.41
CA ALA D 44 -35.68 -21.31 -0.29
C ALA D 44 -36.17 -19.85 -0.20
N GLU D 45 -37.44 -19.67 0.17
CA GLU D 45 -38.05 -18.37 0.43
C GLU D 45 -38.59 -18.45 1.86
N LEU D 46 -37.94 -17.74 2.78
CA LEU D 46 -38.26 -17.84 4.20
C LEU D 46 -38.92 -16.60 4.71
N VAL D 47 -39.76 -16.74 5.76
CA VAL D 47 -40.39 -15.59 6.37
C VAL D 47 -39.37 -14.98 7.30
N MET D 48 -39.15 -13.69 7.18
CA MET D 48 -38.14 -13.01 7.94
C MET D 48 -38.73 -11.92 8.79
N PRO D 49 -38.15 -11.66 9.97
CA PRO D 49 -38.66 -10.58 10.81
C PRO D 49 -38.58 -9.22 10.12
N ARG D 50 -39.53 -8.32 10.42
CA ARG D 50 -39.54 -6.94 9.93
C ARG D 50 -38.31 -6.22 10.50
N VAL D 51 -37.93 -5.12 9.88
CA VAL D 51 -36.76 -4.35 10.30
C VAL D 51 -37.14 -3.01 10.89
N VAL D 52 -36.69 -2.74 12.12
CA VAL D 52 -36.97 -1.43 12.74
C VAL D 52 -35.79 -0.55 12.42
N LYS D 53 -35.96 0.40 11.50
CA LYS D 53 -34.89 1.30 11.06
C LYS D 53 -34.44 2.29 12.15
N SER D 54 -33.35 3.03 11.92
CA SER D 54 -32.82 4.01 12.87
C SER D 54 -33.86 5.07 13.30
N ASN D 55 -34.80 5.42 12.41
CA ASN D 55 -35.85 6.39 12.75
C ASN D 55 -37.15 5.70 13.32
N ASP D 56 -37.06 4.41 13.69
CA ASP D 56 -38.12 3.57 14.25
C ASP D 56 -39.24 3.19 13.27
N VAL D 57 -39.04 3.43 11.98
CA VAL D 57 -39.99 3.03 10.96
C VAL D 57 -39.77 1.54 10.70
N ARG D 58 -40.84 0.76 10.58
CA ARG D 58 -40.71 -0.65 10.26
C ARG D 58 -40.81 -0.85 8.76
N GLU D 59 -40.02 -1.77 8.24
CA GLU D 59 -40.07 -2.12 6.83
C GLU D 59 -39.78 -3.60 6.67
N PRO D 60 -40.33 -4.25 5.65
CA PRO D 60 -40.07 -5.70 5.49
C PRO D 60 -38.59 -5.98 5.27
N PHE D 61 -38.14 -7.18 5.67
CA PHE D 61 -36.76 -7.59 5.47
C PHE D 61 -36.46 -7.65 3.97
N ASN D 62 -35.45 -6.91 3.52
CA ASN D 62 -35.08 -6.81 2.12
C ASN D 62 -33.69 -7.39 1.93
N GLU D 63 -33.64 -8.63 1.44
CA GLU D 63 -32.39 -9.35 1.21
C GLU D 63 -31.46 -8.60 0.28
N GLU D 64 -32.02 -7.85 -0.70
CA GLU D 64 -31.18 -7.12 -1.65
C GLU D 64 -30.44 -5.94 -0.98
N LYS D 65 -31.08 -5.26 -0.02
CA LYS D 65 -30.42 -4.18 0.71
C LYS D 65 -29.26 -4.72 1.55
N LEU D 66 -29.43 -5.93 2.13
CA LEU D 66 -28.43 -6.60 2.92
C LEU D 66 -27.26 -6.99 2.04
N ARG D 67 -27.54 -7.63 0.90
CA ARG D 67 -26.51 -8.10 -0.03
C ARG D 67 -25.74 -6.98 -0.71
N SER D 68 -26.41 -5.95 -1.22
CA SER D 68 -25.73 -4.88 -1.95
C SER D 68 -24.75 -4.09 -1.08
N GLY D 69 -25.07 -3.95 0.20
CA GLY D 69 -24.17 -3.30 1.14
C GLY D 69 -22.93 -4.15 1.34
N MET D 70 -23.10 -5.48 1.51
CA MET D 70 -21.97 -6.38 1.67
C MET D 70 -21.10 -6.38 0.42
N LEU D 71 -21.73 -6.36 -0.78
CA LEU D 71 -20.97 -6.35 -2.03
C LEU D 71 -20.19 -5.06 -2.24
N ARG D 72 -20.65 -3.94 -1.68
CA ARG D 72 -19.89 -2.69 -1.76
C ARG D 72 -18.60 -2.86 -0.94
N ALA D 73 -18.72 -3.42 0.27
CA ALA D 73 -17.59 -3.64 1.16
C ALA D 73 -16.62 -4.67 0.59
N LEU D 74 -17.15 -5.70 -0.09
CA LEU D 74 -16.35 -6.79 -0.65
C LEU D 74 -15.75 -6.52 -2.01
N GLU D 75 -15.82 -5.28 -2.50
CA GLU D 75 -15.27 -4.92 -3.80
C GLU D 75 -13.80 -5.28 -3.93
N LYS D 76 -13.46 -6.04 -4.96
CA LYS D 76 -12.11 -6.44 -5.28
C LYS D 76 -11.48 -7.36 -4.21
N ARG D 77 -12.31 -8.01 -3.38
CA ARG D 77 -11.82 -8.92 -2.35
C ARG D 77 -11.95 -10.37 -2.81
N PRO D 78 -11.03 -11.26 -2.40
CA PRO D 78 -11.09 -12.66 -2.86
C PRO D 78 -12.10 -13.52 -2.10
N VAL D 79 -13.37 -13.17 -2.22
CA VAL D 79 -14.47 -13.86 -1.57
C VAL D 79 -15.44 -14.24 -2.68
N SER D 80 -15.75 -15.53 -2.83
CA SER D 80 -16.66 -15.98 -3.89
C SER D 80 -18.13 -15.60 -3.60
N SER D 81 -18.98 -15.62 -4.64
CA SER D 81 -20.42 -15.35 -4.44
C SER D 81 -21.06 -16.43 -3.56
N ASP D 82 -20.52 -17.65 -3.55
CA ASP D 82 -21.03 -18.73 -2.71
C ASP D 82 -20.75 -18.43 -1.25
N ASP D 83 -19.56 -17.87 -0.93
CA ASP D 83 -19.22 -17.47 0.44
C ASP D 83 -20.17 -16.36 0.91
N VAL D 84 -20.48 -15.40 0.03
CA VAL D 84 -21.40 -14.31 0.32
C VAL D 84 -22.79 -14.85 0.56
N GLU D 85 -23.24 -15.79 -0.29
CA GLU D 85 -24.57 -16.36 -0.13
C GLU D 85 -24.67 -17.19 1.12
N MET D 86 -23.59 -17.88 1.52
CA MET D 86 -23.58 -18.64 2.77
C MET D 86 -23.60 -17.71 3.96
N ALA D 87 -22.93 -16.55 3.87
CA ALA D 87 -22.93 -15.57 4.93
C ALA D 87 -24.33 -15.01 5.09
N ILE D 88 -25.02 -14.70 3.99
CA ILE D 88 -26.39 -14.18 4.06
C ILE D 88 -27.32 -15.23 4.65
N ASN D 89 -27.19 -16.49 4.21
CA ASN D 89 -28.00 -17.58 4.74
C ASN D 89 -27.77 -17.76 6.23
N HIS D 90 -26.52 -17.57 6.68
CA HIS D 90 -26.21 -17.64 8.10
C HIS D 90 -26.88 -16.49 8.85
N ILE D 91 -26.85 -15.24 8.29
CA ILE D 91 -27.50 -14.07 8.86
C ILE D 91 -28.99 -14.36 9.02
N LYS D 92 -29.62 -14.85 7.95
CA LYS D 92 -31.03 -15.17 7.92
C LYS D 92 -31.40 -16.24 8.94
N SER D 93 -30.56 -17.25 9.08
CA SER D 93 -30.76 -18.31 10.04
C SER D 93 -30.68 -17.77 11.49
N GLN D 94 -29.76 -16.83 11.75
CA GLN D 94 -29.62 -16.24 13.07
C GLN D 94 -30.78 -15.34 13.39
N LEU D 95 -31.27 -14.57 12.41
CA LEU D 95 -32.43 -13.71 12.63
C LEU D 95 -33.66 -14.55 12.91
N ARG D 96 -33.78 -15.72 12.26
CA ARG D 96 -34.89 -16.63 12.52
C ARG D 96 -34.79 -17.35 13.85
N ALA D 97 -33.58 -17.62 14.30
CA ALA D 97 -33.37 -18.26 15.59
C ALA D 97 -33.80 -17.35 16.76
N THR D 98 -33.83 -16.02 16.58
CA THR D 98 -34.28 -15.11 17.63
C THR D 98 -35.77 -15.29 17.94
N GLY D 99 -36.56 -15.76 16.98
CA GLY D 99 -38.00 -15.90 17.12
C GLY D 99 -38.77 -14.59 17.10
N GLU D 100 -38.07 -13.48 16.83
CA GLU D 100 -38.66 -12.16 16.83
C GLU D 100 -39.46 -11.80 15.61
N ARG D 101 -40.58 -11.10 15.82
CA ARG D 101 -41.47 -10.57 14.79
C ARG D 101 -40.73 -9.44 14.05
N GLU D 102 -39.97 -8.61 14.78
CA GLU D 102 -39.19 -7.54 14.20
C GLU D 102 -37.83 -7.44 14.89
N VAL D 103 -36.81 -7.01 14.14
CA VAL D 103 -35.45 -6.87 14.64
C VAL D 103 -34.93 -5.48 14.24
N PRO D 104 -34.15 -4.82 15.10
CA PRO D 104 -33.61 -3.50 14.72
C PRO D 104 -32.51 -3.61 13.66
N SER D 105 -32.35 -2.55 12.85
CA SER D 105 -31.30 -2.37 11.83
C SER D 105 -29.91 -2.72 12.38
N LYS D 106 -29.68 -2.31 13.62
CA LYS D 106 -28.45 -2.48 14.35
C LYS D 106 -28.10 -3.95 14.48
N MET D 107 -29.09 -4.83 14.68
CA MET D 107 -28.82 -6.26 14.78
C MET D 107 -28.38 -6.81 13.45
N ILE D 108 -28.99 -6.36 12.34
CA ILE D 108 -28.58 -6.82 11.01
C ILE D 108 -27.16 -6.37 10.72
N GLY D 109 -26.88 -5.08 10.96
CA GLY D 109 -25.54 -4.54 10.76
C GLY D 109 -24.48 -5.28 11.54
N ASN D 110 -24.74 -5.56 12.84
CA ASN D 110 -23.80 -6.30 13.68
C ASN D 110 -23.59 -7.73 13.16
N LEU D 111 -24.66 -8.38 12.69
CA LEU D 111 -24.58 -9.73 12.13
C LEU D 111 -23.77 -9.75 10.83
N VAL D 112 -23.89 -8.71 10.00
CA VAL D 112 -23.12 -8.60 8.75
C VAL D 112 -21.65 -8.42 9.09
N MET D 113 -21.34 -7.58 10.09
CA MET D 113 -19.97 -7.36 10.55
C MET D 113 -19.34 -8.65 11.05
N GLU D 114 -20.09 -9.49 11.78
CA GLU D 114 -19.56 -10.75 12.27
C GLU D 114 -19.17 -11.68 11.13
N GLN D 115 -19.94 -11.66 10.02
CA GLN D 115 -19.62 -12.45 8.82
C GLN D 115 -18.44 -11.85 8.06
N LEU D 116 -18.41 -10.52 7.92
CA LEU D 116 -17.32 -9.83 7.25
C LEU D 116 -16.00 -10.02 7.99
N LYS D 117 -16.05 -10.14 9.33
CA LYS D 117 -14.86 -10.39 10.13
C LYS D 117 -14.25 -11.76 9.73
N LYS D 118 -15.09 -12.77 9.43
CA LYS D 118 -14.67 -14.11 9.02
C LYS D 118 -14.26 -14.14 7.55
N LEU D 119 -14.99 -13.43 6.69
CA LEU D 119 -14.70 -13.41 5.25
C LEU D 119 -13.48 -12.58 4.85
N ASP D 120 -13.47 -11.27 5.18
CA ASP D 120 -12.40 -10.38 4.78
C ASP D 120 -12.32 -9.13 5.68
N LYS D 121 -11.18 -8.92 6.33
CA LYS D 121 -11.00 -7.80 7.25
C LYS D 121 -11.01 -6.42 6.56
N VAL D 122 -10.56 -6.34 5.30
CA VAL D 122 -10.62 -5.06 4.58
C VAL D 122 -12.11 -4.69 4.34
N ALA D 123 -12.92 -5.67 3.95
CA ALA D 123 -14.35 -5.49 3.74
C ALA D 123 -15.02 -5.03 5.04
N TYR D 124 -14.64 -5.63 6.17
CA TYR D 124 -15.12 -5.27 7.50
C TYR D 124 -14.87 -3.76 7.78
N ILE D 125 -13.67 -3.26 7.53
CA ILE D 125 -13.36 -1.85 7.75
C ILE D 125 -14.17 -0.96 6.86
N ARG D 126 -14.30 -1.32 5.56
CA ARG D 126 -15.05 -0.54 4.59
C ARG D 126 -16.51 -0.41 5.02
N PHE D 127 -17.14 -1.53 5.39
CA PHE D 127 -18.51 -1.54 5.84
C PHE D 127 -18.63 -0.72 7.13
N ALA D 128 -17.76 -0.98 8.13
CA ALA D 128 -17.76 -0.22 9.40
C ALA D 128 -17.63 1.28 9.18
N SER D 129 -16.87 1.73 8.16
CA SER D 129 -16.71 3.16 7.91
C SER D 129 -18.03 3.86 7.57
N VAL D 130 -18.99 3.12 7.01
CA VAL D 130 -20.29 3.66 6.68
C VAL D 130 -21.32 3.30 7.76
N TYR D 131 -21.35 2.03 8.19
CA TYR D 131 -22.24 1.58 9.25
C TYR D 131 -22.06 2.34 10.56
N ARG D 132 -20.82 2.63 10.93
CA ARG D 132 -20.52 3.42 12.14
C ARG D 132 -20.29 4.90 11.82
N SER D 133 -20.64 5.32 10.59
CA SER D 133 -20.56 6.67 10.04
C SER D 133 -19.35 7.46 10.53
N PHE D 134 -18.14 7.10 10.05
CA PHE D 134 -16.91 7.77 10.44
C PHE D 134 -16.95 9.23 10.04
N GLU D 135 -16.63 10.12 10.96
CA GLU D 135 -16.61 11.57 10.70
C GLU D 135 -15.20 12.10 10.48
N ASP D 136 -14.18 11.37 10.92
CA ASP D 136 -12.81 11.77 10.70
C ASP D 136 -11.96 10.54 10.39
N ILE D 137 -10.81 10.83 9.85
CA ILE D 137 -9.86 9.85 9.37
C ILE D 137 -9.23 8.99 10.46
N LYS D 138 -9.16 9.49 11.71
CA LYS D 138 -8.59 8.72 12.82
C LYS D 138 -9.49 7.55 13.23
N GLU D 139 -10.76 7.55 12.83
CA GLU D 139 -11.67 6.45 13.14
C GLU D 139 -11.29 5.15 12.42
N PHE D 140 -10.54 5.24 11.31
CA PHE D 140 -10.12 4.04 10.61
C PHE D 140 -9.16 3.25 11.50
N GLY D 141 -8.18 3.95 12.07
CA GLY D 141 -7.22 3.32 12.96
C GLY D 141 -7.86 2.75 14.20
N GLU D 142 -8.83 3.48 14.74
CA GLU D 142 -9.56 3.08 15.92
C GLU D 142 -10.37 1.81 15.67
N GLU D 143 -10.97 1.71 14.48
CA GLU D 143 -11.71 0.51 14.10
C GLU D 143 -10.75 -0.69 13.87
N ILE D 144 -9.60 -0.44 13.25
CA ILE D 144 -8.61 -1.50 13.04
C ILE D 144 -8.10 -2.06 14.37
N ALA D 145 -8.00 -1.21 15.40
CA ALA D 145 -7.54 -1.63 16.71
C ALA D 145 -8.61 -2.46 17.42
N ARG D 146 -9.87 -2.03 17.37
CA ARG D 146 -10.97 -2.80 17.97
C ARG D 146 -11.17 -4.13 17.27
N LEU D 147 -10.91 -4.17 15.95
CA LEU D 147 -11.02 -5.37 15.14
C LEU D 147 -9.90 -6.33 15.46
N GLU D 148 -8.64 -5.85 15.48
CA GLU D 148 -7.51 -6.74 15.76
C GLU D 148 -7.54 -7.27 17.22
N ASP D 149 -8.45 -6.74 18.07
CA ASP D 149 -8.71 -7.24 19.43
C ASP D 149 -9.88 -8.25 19.40
N HIS D 150 -10.10 -8.94 18.25
CA HIS D 150 -11.17 -9.92 18.01
C HIS D 150 -12.57 -9.38 18.36
N MET E 1 28.90 41.77 24.11
CA MET E 1 29.02 41.04 25.37
C MET E 1 29.25 41.99 26.53
N HIS E 2 28.60 41.75 27.66
CA HIS E 2 28.75 42.58 28.86
C HIS E 2 30.08 42.23 29.54
N CYS E 3 30.68 43.23 30.20
CA CYS E 3 31.94 43.11 30.92
C CYS E 3 31.73 42.23 32.14
N PRO E 4 32.41 41.08 32.28
CA PRO E 4 32.21 40.26 33.48
C PRO E 4 32.86 40.85 34.76
N PHE E 5 33.63 41.95 34.61
CA PHE E 5 34.31 42.61 35.70
C PHE E 5 33.51 43.79 36.27
N CYS E 6 33.06 44.72 35.43
CA CYS E 6 32.30 45.89 35.92
C CYS E 6 30.83 45.90 35.49
N PHE E 7 30.42 44.96 34.66
CA PHE E 7 29.07 44.80 34.16
C PHE E 7 28.60 45.93 33.24
N ALA E 8 29.56 46.62 32.56
CA ALA E 8 29.24 47.59 31.53
C ALA E 8 28.68 46.77 30.35
N VAL E 9 27.66 47.29 29.65
CA VAL E 9 27.00 46.53 28.59
C VAL E 9 27.80 46.31 27.31
N ASP E 10 28.89 47.07 27.09
CA ASP E 10 29.62 46.97 25.84
C ASP E 10 31.12 46.65 25.92
N THR E 11 31.52 45.53 25.26
CA THR E 11 32.93 45.17 25.15
C THR E 11 33.35 45.11 23.67
N LYS E 12 34.56 45.55 23.39
CA LYS E 12 35.11 45.58 22.04
C LYS E 12 35.97 44.34 21.82
N VAL E 13 35.85 43.70 20.65
CA VAL E 13 36.72 42.56 20.33
C VAL E 13 38.03 43.17 19.81
N ILE E 14 39.13 42.95 20.54
CA ILE E 14 40.41 43.52 20.14
C ILE E 14 41.32 42.50 19.45
N ASP E 15 41.01 41.20 19.53
CA ASP E 15 41.79 40.16 18.87
C ASP E 15 40.97 38.86 18.68
N SER E 16 41.32 38.07 17.67
CA SER E 16 40.61 36.83 17.35
C SER E 16 41.62 35.76 16.83
N ARG E 17 41.32 34.47 17.01
CA ARG E 17 42.19 33.38 16.64
C ARG E 17 41.39 32.11 16.42
N LEU E 18 41.57 31.41 15.28
CA LEU E 18 40.87 30.13 15.08
C LEU E 18 41.60 29.11 15.93
N VAL E 19 40.85 28.35 16.70
CA VAL E 19 41.39 27.31 17.58
C VAL E 19 40.59 26.01 17.37
N GLY E 20 41.11 24.90 17.88
CA GLY E 20 40.44 23.62 17.78
C GLY E 20 40.33 23.12 16.36
N GLU E 21 41.40 23.31 15.58
CA GLU E 21 41.49 22.93 14.17
C GLU E 21 40.39 23.64 13.35
N GLY E 22 40.18 24.91 13.64
CA GLY E 22 39.21 25.75 12.96
C GLY E 22 37.77 25.64 13.44
N SER E 23 37.49 24.75 14.39
CA SER E 23 36.12 24.57 14.88
C SER E 23 35.66 25.59 15.96
N SER E 24 36.59 26.37 16.53
CA SER E 24 36.21 27.36 17.54
C SER E 24 36.90 28.70 17.32
N VAL E 25 36.30 29.78 17.82
CA VAL E 25 36.92 31.10 17.69
C VAL E 25 37.28 31.65 19.07
N ARG E 26 38.58 31.87 19.29
CA ARG E 26 39.04 32.45 20.54
C ARG E 26 39.13 33.96 20.36
N ARG E 27 38.57 34.73 21.28
CA ARG E 27 38.62 36.19 21.16
C ARG E 27 39.17 36.86 22.40
N ARG E 28 39.80 38.03 22.24
CA ARG E 28 40.24 38.82 23.38
C ARG E 28 39.39 40.09 23.36
N ARG E 29 38.61 40.29 24.41
CA ARG E 29 37.73 41.44 24.51
C ARG E 29 38.25 42.46 25.51
N GLN E 30 37.88 43.72 25.32
CA GLN E 30 38.28 44.80 26.19
C GLN E 30 37.06 45.66 26.55
N CYS E 31 36.88 45.92 27.84
CA CYS E 31 35.76 46.74 28.29
C CYS E 31 36.08 48.20 28.00
N LEU E 32 35.12 48.93 27.43
CA LEU E 32 35.33 50.33 27.11
C LEU E 32 35.22 51.24 28.34
N VAL E 33 34.64 50.76 29.44
CA VAL E 33 34.52 51.57 30.65
C VAL E 33 35.64 51.29 31.64
N CYS E 34 35.86 50.01 32.02
CA CYS E 34 36.91 49.69 32.99
C CYS E 34 38.26 49.33 32.36
N ASN E 35 38.32 49.12 31.03
CA ASN E 35 39.54 48.78 30.31
C ASN E 35 40.10 47.39 30.64
N GLU E 36 39.29 46.52 31.24
CA GLU E 36 39.76 45.17 31.58
C GLU E 36 39.76 44.29 30.34
N ARG E 37 40.74 43.37 30.24
CA ARG E 37 40.83 42.45 29.12
C ARG E 37 40.51 41.02 29.53
N PHE E 38 39.86 40.24 28.65
CA PHE E 38 39.48 38.86 28.96
C PHE E 38 39.33 38.02 27.68
N THR E 39 39.35 36.69 27.84
CA THR E 39 39.26 35.75 26.75
C THR E 39 37.90 35.13 26.68
N THR E 40 37.42 34.89 25.46
CA THR E 40 36.15 34.21 25.23
C THR E 40 36.35 33.08 24.20
N PHE E 41 35.43 32.13 24.17
CA PHE E 41 35.47 31.05 23.18
C PHE E 41 34.11 30.94 22.53
N GLU E 42 34.10 30.84 21.19
CA GLU E 42 32.88 30.70 20.43
C GLU E 42 32.81 29.27 19.92
N VAL E 43 31.81 28.53 20.33
CA VAL E 43 31.67 27.12 19.97
C VAL E 43 30.32 26.87 19.35
N ALA E 44 30.28 26.06 18.29
CA ALA E 44 29.02 25.75 17.62
C ALA E 44 28.22 24.73 18.42
N GLU E 45 26.88 24.89 18.43
CA GLU E 45 25.98 23.96 19.09
C GLU E 45 25.62 22.94 18.02
N LEU E 46 26.22 21.75 18.07
CA LEU E 46 25.97 20.74 17.05
C LEU E 46 25.37 19.49 17.67
N VAL E 47 24.08 19.53 18.02
CA VAL E 47 23.41 18.33 18.48
C VAL E 47 22.16 18.16 17.65
N MET E 48 22.04 17.00 17.01
CA MET E 48 20.90 16.67 16.18
C MET E 48 19.67 16.44 17.08
N PRO E 49 18.45 16.77 16.59
CA PRO E 49 17.26 16.51 17.41
C PRO E 49 17.09 15.04 17.74
N ARG E 50 16.50 14.75 18.90
CA ARG E 50 16.21 13.38 19.28
C ARG E 50 15.14 12.79 18.35
N VAL E 51 15.02 11.48 18.32
CA VAL E 51 14.08 10.81 17.45
C VAL E 51 12.93 10.21 18.21
N VAL E 52 11.70 10.60 17.86
CA VAL E 52 10.52 10.02 18.49
C VAL E 52 10.16 8.81 17.63
N LYS E 53 10.36 7.60 18.15
CA LYS E 53 10.07 6.39 17.40
C LYS E 53 8.56 6.12 17.28
N SER E 54 8.16 5.16 16.43
CA SER E 54 6.77 4.77 16.23
C SER E 54 6.04 4.45 17.53
N ASN E 55 6.74 3.85 18.51
CA ASN E 55 6.17 3.50 19.81
C ASN E 55 6.27 4.63 20.87
N ASP E 56 6.61 5.86 20.42
CA ASP E 56 6.76 7.09 21.21
C ASP E 56 7.98 7.11 22.13
N VAL E 57 8.91 6.16 21.97
CA VAL E 57 10.14 6.15 22.75
C VAL E 57 11.08 7.18 22.12
N ARG E 58 11.75 8.01 22.92
CA ARG E 58 12.72 8.97 22.37
C ARG E 58 14.10 8.34 22.45
N GLU E 59 14.91 8.57 21.44
CA GLU E 59 16.28 8.08 21.43
C GLU E 59 17.15 9.04 20.67
N PRO E 60 18.44 9.16 21.02
CA PRO E 60 19.29 10.13 20.31
C PRO E 60 19.42 9.79 18.83
N PHE E 61 19.65 10.82 18.02
CA PHE E 61 19.83 10.64 16.58
C PHE E 61 21.06 9.77 16.33
N ASN E 62 20.89 8.68 15.60
CA ASN E 62 21.98 7.75 15.32
C ASN E 62 22.23 7.72 13.82
N GLU E 63 23.27 8.40 13.37
CA GLU E 63 23.64 8.48 11.95
C GLU E 63 23.89 7.11 11.34
N GLU E 64 24.39 6.16 12.13
CA GLU E 64 24.65 4.82 11.61
C GLU E 64 23.34 4.06 11.34
N LYS E 65 22.28 4.31 12.15
CA LYS E 65 20.98 3.68 11.91
C LYS E 65 20.40 4.17 10.59
N LEU E 66 20.55 5.50 10.32
CA LEU E 66 20.08 6.15 9.10
C LEU E 66 20.82 5.63 7.87
N ARG E 67 22.14 5.56 7.96
CA ARG E 67 22.97 5.08 6.87
C ARG E 67 22.80 3.58 6.58
N SER E 68 22.80 2.72 7.60
CA SER E 68 22.69 1.28 7.37
C SER E 68 21.38 0.88 6.70
N GLY E 69 20.32 1.63 6.96
CA GLY E 69 19.03 1.39 6.31
C GLY E 69 19.10 1.70 4.84
N MET E 70 19.75 2.84 4.50
CA MET E 70 19.94 3.24 3.11
C MET E 70 20.86 2.27 2.38
N LEU E 71 21.94 1.80 3.04
CA LEU E 71 22.85 0.86 2.41
C LEU E 71 22.22 -0.48 2.15
N ARG E 72 21.24 -0.90 2.95
CA ARG E 72 20.53 -2.15 2.70
C ARG E 72 19.74 -2.01 1.39
N ALA E 73 19.02 -0.88 1.24
CA ALA E 73 18.26 -0.62 0.03
C ALA E 73 19.15 -0.45 -1.20
N LEU E 74 20.32 0.20 -1.02
CA LEU E 74 21.22 0.47 -2.12
C LEU E 74 22.13 -0.68 -2.51
N GLU E 75 21.88 -1.91 -1.99
CA GLU E 75 22.72 -3.06 -2.28
C GLU E 75 22.80 -3.32 -3.77
N LYS E 76 24.05 -3.42 -4.28
CA LYS E 76 24.34 -3.70 -5.68
C LYS E 76 23.84 -2.61 -6.64
N ARG E 77 23.59 -1.38 -6.15
CA ARG E 77 23.14 -0.28 -6.98
C ARG E 77 24.28 0.66 -7.34
N PRO E 78 24.29 1.24 -8.56
CA PRO E 78 25.40 2.12 -8.95
C PRO E 78 25.31 3.55 -8.43
N VAL E 79 25.34 3.67 -7.11
CA VAL E 79 25.30 4.93 -6.40
C VAL E 79 26.59 4.99 -5.58
N SER E 80 27.39 6.04 -5.77
CA SER E 80 28.66 6.17 -5.07
C SER E 80 28.49 6.49 -3.59
N SER E 81 29.53 6.25 -2.77
CA SER E 81 29.47 6.59 -1.35
C SER E 81 29.35 8.12 -1.15
N ASP E 82 29.84 8.92 -2.12
CA ASP E 82 29.74 10.36 -2.05
C ASP E 82 28.30 10.81 -2.24
N ASP E 83 27.55 10.15 -3.15
CA ASP E 83 26.14 10.43 -3.36
C ASP E 83 25.34 10.12 -2.09
N VAL E 84 25.67 8.99 -1.43
CA VAL E 84 25.03 8.57 -0.19
C VAL E 84 25.33 9.56 0.92
N GLU E 85 26.59 10.00 1.02
CA GLU E 85 26.97 10.96 2.05
C GLU E 85 26.34 12.32 1.82
N MET E 86 26.15 12.73 0.56
CA MET E 86 25.47 13.98 0.27
C MET E 86 23.98 13.89 0.60
N ALA E 87 23.37 12.71 0.37
CA ALA E 87 21.98 12.48 0.68
C ALA E 87 21.79 12.53 2.19
N ILE E 88 22.70 11.88 2.96
CA ILE E 88 22.65 11.89 4.42
C ILE E 88 22.82 13.31 4.96
N ASN E 89 23.77 14.07 4.41
CA ASN E 89 23.99 15.46 4.82
C ASN E 89 22.75 16.30 4.57
N HIS E 90 22.06 16.06 3.45
CA HIS E 90 20.84 16.79 3.15
C HIS E 90 19.74 16.45 4.15
N ILE E 91 19.60 15.14 4.50
CA ILE E 91 18.61 14.71 5.48
C ILE E 91 18.88 15.39 6.83
N LYS E 92 20.15 15.35 7.28
CA LYS E 92 20.55 15.97 8.53
C LYS E 92 20.30 17.46 8.54
N SER E 93 20.55 18.12 7.41
CA SER E 93 20.32 19.54 7.27
C SER E 93 18.85 19.87 7.43
N GLN E 94 17.97 19.04 6.86
CA GLN E 94 16.54 19.28 6.96
C GLN E 94 16.02 19.07 8.36
N LEU E 95 16.55 18.06 9.06
CA LEU E 95 16.14 17.81 10.44
C LEU E 95 16.56 18.97 11.34
N ARG E 96 17.79 19.49 11.14
CA ARG E 96 18.29 20.63 11.88
C ARG E 96 17.47 21.89 11.57
N ALA E 97 17.09 22.10 10.30
CA ALA E 97 16.30 23.27 9.88
C ALA E 97 14.94 23.36 10.54
N THR E 98 14.41 22.24 11.07
CA THR E 98 13.12 22.29 11.76
C THR E 98 13.19 23.11 13.06
N GLY E 99 14.37 23.17 13.66
CA GLY E 99 14.55 23.88 14.93
C GLY E 99 13.99 23.15 16.13
N GLU E 100 13.52 21.90 15.93
CA GLU E 100 12.91 21.09 16.96
C GLU E 100 13.91 20.35 17.82
N ARG E 101 13.55 20.14 19.09
CA ARG E 101 14.36 19.35 20.03
C ARG E 101 14.24 17.87 19.69
N GLU E 102 13.09 17.44 19.14
CA GLU E 102 12.84 16.07 18.71
C GLU E 102 12.02 16.03 17.42
N VAL E 103 12.30 15.04 16.56
CA VAL E 103 11.59 14.84 15.29
C VAL E 103 11.13 13.39 15.20
N PRO E 104 9.92 13.13 14.67
CA PRO E 104 9.45 11.74 14.57
C PRO E 104 10.23 10.94 13.52
N SER E 105 10.41 9.63 13.73
CA SER E 105 11.10 8.76 12.78
C SER E 105 10.41 8.77 11.40
N LYS E 106 9.11 9.07 11.35
CA LYS E 106 8.35 9.19 10.11
C LYS E 106 8.92 10.30 9.25
N MET E 107 9.39 11.40 9.85
CA MET E 107 10.01 12.48 9.09
C MET E 107 11.32 12.01 8.48
N ILE E 108 12.13 11.26 9.24
CA ILE E 108 13.38 10.73 8.73
C ILE E 108 13.12 9.76 7.58
N GLY E 109 12.19 8.84 7.75
CA GLY E 109 11.82 7.89 6.72
C GLY E 109 11.38 8.54 5.42
N ASN E 110 10.49 9.55 5.53
CA ASN E 110 10.01 10.29 4.36
C ASN E 110 11.16 11.00 3.66
N LEU E 111 12.07 11.59 4.42
CA LEU E 111 13.22 12.28 3.88
C LEU E 111 14.17 11.34 3.16
N VAL E 112 14.39 10.10 3.68
CA VAL E 112 15.28 9.18 2.95
C VAL E 112 14.59 8.67 1.67
N MET E 113 13.24 8.51 1.68
CA MET E 113 12.49 8.10 0.49
C MET E 113 12.67 9.14 -0.62
N GLU E 114 12.63 10.44 -0.28
CA GLU E 114 12.81 11.47 -1.30
C GLU E 114 14.23 11.43 -1.88
N GLN E 115 15.24 11.08 -1.07
CA GLN E 115 16.61 10.97 -1.58
C GLN E 115 16.75 9.74 -2.46
N LEU E 116 16.23 8.62 -2.00
CA LEU E 116 16.30 7.36 -2.72
C LEU E 116 15.58 7.43 -4.02
N LYS E 117 14.43 8.09 -4.06
CA LYS E 117 13.64 8.25 -5.29
C LYS E 117 14.47 8.95 -6.39
N LYS E 118 15.41 9.81 -6.03
CA LYS E 118 16.25 10.51 -6.99
C LYS E 118 17.64 9.86 -7.17
N LEU E 119 18.08 9.01 -6.25
CA LEU E 119 19.34 8.28 -6.40
C LEU E 119 19.12 7.00 -7.21
N ASP E 120 18.21 6.12 -6.78
CA ASP E 120 17.96 4.85 -7.43
C ASP E 120 16.55 4.32 -7.12
N LYS E 121 15.73 4.16 -8.15
CA LYS E 121 14.36 3.73 -7.97
C LYS E 121 14.23 2.31 -7.44
N VAL E 122 15.16 1.40 -7.75
CA VAL E 122 15.13 0.03 -7.19
C VAL E 122 15.34 0.09 -5.68
N ALA E 123 16.28 0.91 -5.24
CA ALA E 123 16.57 1.12 -3.82
C ALA E 123 15.33 1.69 -3.12
N TYR E 124 14.64 2.65 -3.76
CA TYR E 124 13.41 3.25 -3.26
C TYR E 124 12.34 2.19 -2.98
N ILE E 125 12.09 1.29 -3.94
CA ILE E 125 11.12 0.22 -3.73
C ILE E 125 11.54 -0.73 -2.60
N ARG E 126 12.85 -1.08 -2.56
CA ARG E 126 13.41 -1.96 -1.53
C ARG E 126 13.17 -1.35 -0.15
N PHE E 127 13.50 -0.06 0.01
CA PHE E 127 13.32 0.66 1.26
C PHE E 127 11.84 0.73 1.62
N ALA E 128 10.99 1.17 0.69
CA ALA E 128 9.55 1.28 0.94
C ALA E 128 8.93 -0.07 1.32
N SER E 129 9.50 -1.20 0.85
CA SER E 129 8.93 -2.50 1.21
C SER E 129 9.02 -2.75 2.72
N VAL E 130 10.05 -2.17 3.36
CA VAL E 130 10.22 -2.29 4.81
C VAL E 130 9.62 -1.06 5.53
N TYR E 131 9.93 0.16 5.11
CA TYR E 131 9.38 1.36 5.74
C TYR E 131 7.84 1.40 5.73
N ARG E 132 7.24 1.00 4.61
CA ARG E 132 5.79 0.90 4.48
C ARG E 132 5.26 -0.52 4.80
N SER E 133 6.14 -1.41 5.30
CA SER E 133 5.90 -2.80 5.69
C SER E 133 4.89 -3.53 4.80
N PHE E 134 5.31 -3.91 3.57
CA PHE E 134 4.43 -4.59 2.64
C PHE E 134 3.98 -5.93 3.18
N GLU E 135 2.66 -6.18 3.17
CA GLU E 135 2.09 -7.45 3.61
C GLU E 135 1.73 -8.37 2.44
N ASP E 136 1.56 -7.81 1.24
CA ASP E 136 1.19 -8.57 0.05
C ASP E 136 2.11 -8.19 -1.10
N ILE E 137 2.35 -9.17 -1.99
CA ILE E 137 3.21 -8.99 -3.14
C ILE E 137 2.70 -7.92 -4.12
N LYS E 138 1.38 -7.67 -4.15
CA LYS E 138 0.69 -6.64 -4.93
C LYS E 138 1.21 -5.23 -4.59
N GLU E 139 1.69 -5.03 -3.35
CA GLU E 139 2.14 -3.73 -2.91
C GLU E 139 3.35 -3.23 -3.66
N PHE E 140 4.16 -4.13 -4.25
CA PHE E 140 5.32 -3.71 -5.02
C PHE E 140 4.85 -2.97 -6.27
N GLY E 141 3.91 -3.57 -6.99
CA GLY E 141 3.37 -2.96 -8.19
C GLY E 141 2.65 -1.67 -7.90
N GLU E 142 1.91 -1.62 -6.77
CA GLU E 142 1.18 -0.43 -6.32
C GLU E 142 2.16 0.70 -6.01
N GLU E 143 3.30 0.38 -5.40
CA GLU E 143 4.32 1.39 -5.08
C GLU E 143 4.98 1.90 -6.37
N ILE E 144 5.18 1.01 -7.36
CA ILE E 144 5.74 1.36 -8.65
C ILE E 144 4.79 2.29 -9.43
N ALA E 145 3.50 1.99 -9.38
CA ALA E 145 2.48 2.80 -10.02
C ALA E 145 2.43 4.21 -9.41
N ARG E 146 2.57 4.32 -8.08
CA ARG E 146 2.58 5.62 -7.41
C ARG E 146 3.84 6.42 -7.79
N LEU E 147 4.97 5.73 -7.99
CA LEU E 147 6.23 6.35 -8.39
C LEU E 147 6.10 6.94 -9.80
N GLU E 148 5.44 6.19 -10.70
CA GLU E 148 5.17 6.56 -12.10
C GLU E 148 4.42 7.90 -12.20
N ASP E 149 3.59 8.20 -11.18
CA ASP E 149 2.84 9.46 -11.12
C ASP E 149 3.69 10.68 -10.71
N HIS E 150 4.98 10.48 -10.36
CA HIS E 150 5.87 11.56 -9.95
C HIS E 150 7.02 11.71 -10.94
N MET F 1 30.05 -29.81 33.62
CA MET F 1 30.05 -28.40 33.28
C MET F 1 30.08 -27.53 34.53
N HIS F 2 30.85 -26.45 34.50
CA HIS F 2 30.96 -25.52 35.63
C HIS F 2 29.71 -24.64 35.71
N CYS F 3 29.34 -24.24 36.92
CA CYS F 3 28.19 -23.37 37.12
C CYS F 3 28.52 -21.99 36.60
N PRO F 4 27.70 -21.44 35.70
CA PRO F 4 27.96 -20.08 35.20
C PRO F 4 27.61 -18.98 36.21
N PHE F 5 27.03 -19.34 37.37
CA PHE F 5 26.62 -18.38 38.37
C PHE F 5 27.62 -18.30 39.52
N CYS F 6 27.90 -19.42 40.19
CA CYS F 6 28.84 -19.41 41.32
C CYS F 6 30.22 -20.00 41.00
N PHE F 7 30.39 -20.56 39.79
CA PHE F 7 31.63 -21.14 39.29
C PHE F 7 32.08 -22.38 40.07
N ALA F 8 31.12 -23.13 40.67
CA ALA F 8 31.39 -24.44 41.25
C ALA F 8 31.71 -25.37 40.04
N VAL F 9 32.71 -26.24 40.16
CA VAL F 9 33.17 -27.07 39.04
C VAL F 9 32.20 -28.15 38.55
N ASP F 10 31.10 -28.42 39.26
CA ASP F 10 30.20 -29.47 38.86
C ASP F 10 28.74 -29.09 38.89
N THR F 11 28.00 -29.49 37.85
CA THR F 11 26.55 -29.31 37.74
C THR F 11 25.90 -30.65 37.35
N LYS F 12 24.71 -30.90 37.86
CA LYS F 12 23.99 -32.14 37.61
C LYS F 12 22.99 -31.92 36.47
N VAL F 13 22.88 -32.90 35.55
CA VAL F 13 21.87 -32.81 34.49
C VAL F 13 20.58 -33.33 35.09
N ILE F 14 19.58 -32.45 35.22
CA ILE F 14 18.31 -32.86 35.81
C ILE F 14 17.23 -33.17 34.76
N ASP F 15 17.42 -32.72 33.51
CA ASP F 15 16.47 -33.01 32.44
C ASP F 15 17.14 -32.95 31.06
N SER F 16 16.64 -33.74 30.12
CA SER F 16 17.18 -33.79 28.76
C SER F 16 16.03 -34.01 27.78
N ARG F 17 15.95 -33.18 26.74
CA ARG F 17 14.91 -33.22 25.71
C ARG F 17 15.54 -33.01 24.31
N LEU F 18 15.03 -33.69 23.27
CA LEU F 18 15.55 -33.51 21.91
C LEU F 18 14.88 -32.32 21.29
N VAL F 19 15.66 -31.48 20.63
CA VAL F 19 15.17 -30.29 19.94
C VAL F 19 15.77 -30.24 18.52
N GLY F 20 15.22 -29.38 17.66
CA GLY F 20 15.71 -29.23 16.29
C GLY F 20 15.53 -30.50 15.48
N GLU F 21 14.37 -31.14 15.65
CA GLU F 21 14.01 -32.39 14.97
C GLU F 21 15.04 -33.49 15.24
N GLY F 22 15.45 -33.58 16.49
CA GLY F 22 16.38 -34.60 16.96
C GLY F 22 17.85 -34.31 16.76
N SER F 23 18.18 -33.19 16.12
CA SER F 23 19.58 -32.84 15.84
C SER F 23 20.31 -32.17 17.01
N SER F 24 19.58 -31.72 18.03
CA SER F 24 20.21 -31.05 19.19
C SER F 24 19.64 -31.56 20.53
N VAL F 25 20.46 -31.48 21.58
CA VAL F 25 20.03 -31.93 22.90
C VAL F 25 19.92 -30.78 23.88
N ARG F 26 18.70 -30.45 24.27
CA ARG F 26 18.47 -29.39 25.24
C ARG F 26 18.53 -30.03 26.61
N ARG F 27 19.38 -29.49 27.46
CA ARG F 27 19.51 -30.00 28.82
C ARG F 27 19.16 -28.93 29.84
N ARG F 28 18.72 -29.38 31.00
CA ARG F 28 18.45 -28.51 32.12
C ARG F 28 19.44 -28.96 33.19
N ARG F 29 20.31 -28.05 33.62
CA ARG F 29 21.32 -28.38 34.62
C ARG F 29 21.06 -27.65 35.93
N GLN F 30 21.52 -28.23 37.04
CA GLN F 30 21.35 -27.64 38.35
C GLN F 30 22.68 -27.65 39.09
N CYS F 31 23.12 -26.48 39.61
CA CYS F 31 24.35 -26.42 40.39
C CYS F 31 24.08 -27.07 41.75
N LEU F 32 25.01 -27.88 42.25
CA LEU F 32 24.82 -28.53 43.54
C LEU F 32 25.17 -27.66 44.75
N VAL F 33 25.89 -26.54 44.52
CA VAL F 33 26.26 -25.67 45.64
C VAL F 33 25.30 -24.47 45.74
N CYS F 34 25.04 -23.75 44.64
CA CYS F 34 24.14 -22.59 44.69
C CYS F 34 22.67 -22.92 44.32
N ASN F 35 22.42 -24.16 43.85
CA ASN F 35 21.09 -24.69 43.48
C ASN F 35 20.42 -23.96 42.34
N GLU F 36 21.18 -23.19 41.55
CA GLU F 36 20.63 -22.47 40.42
C GLU F 36 20.42 -23.43 39.24
N ARG F 37 19.42 -23.12 38.41
CA ARG F 37 19.13 -23.95 37.25
C ARG F 37 19.32 -23.16 35.97
N PHE F 38 19.80 -23.83 34.91
CA PHE F 38 20.07 -23.19 33.63
C PHE F 38 19.93 -24.17 32.47
N THR F 39 19.79 -23.64 31.27
CA THR F 39 19.61 -24.45 30.07
C THR F 39 20.89 -24.51 29.26
N THR F 40 21.14 -25.67 28.66
CA THR F 40 22.29 -25.86 27.78
C THR F 40 21.81 -26.49 26.45
N PHE F 41 22.60 -26.35 25.39
CA PHE F 41 22.28 -26.95 24.11
C PHE F 41 23.47 -27.70 23.59
N GLU F 42 23.26 -28.92 23.13
CA GLU F 42 24.32 -29.75 22.60
C GLU F 42 24.13 -29.83 21.09
N VAL F 43 25.09 -29.32 20.32
CA VAL F 43 24.98 -29.32 18.87
C VAL F 43 26.23 -29.95 18.27
N ALA F 44 26.05 -30.77 17.23
CA ALA F 44 27.21 -31.38 16.57
C ALA F 44 27.84 -30.36 15.60
N GLU F 45 29.17 -30.35 15.49
CA GLU F 45 29.78 -29.54 14.44
C GLU F 45 30.30 -30.49 13.39
N LEU F 46 29.74 -30.34 12.20
CA LEU F 46 29.98 -31.15 11.02
C LEU F 46 30.67 -30.34 9.94
N VAL F 47 31.30 -31.04 9.01
CA VAL F 47 31.99 -30.39 7.92
C VAL F 47 31.00 -29.80 6.93
N MET F 48 31.11 -28.50 6.68
CA MET F 48 30.27 -27.83 5.70
C MET F 48 31.17 -27.56 4.50
N PRO F 49 30.66 -27.79 3.29
CA PRO F 49 31.46 -27.49 2.09
C PRO F 49 31.84 -26.02 2.00
N ARG F 50 33.00 -25.74 1.42
CA ARG F 50 33.42 -24.37 1.21
C ARG F 50 32.49 -23.73 0.15
N VAL F 51 32.51 -22.42 0.06
CA VAL F 51 31.64 -21.71 -0.87
C VAL F 51 32.42 -21.06 -2.00
N VAL F 52 32.11 -21.43 -3.25
CA VAL F 52 32.74 -20.80 -4.39
C VAL F 52 31.95 -19.53 -4.64
N LYS F 53 32.57 -18.37 -4.48
CA LYS F 53 31.86 -17.09 -4.66
C LYS F 53 31.72 -16.73 -6.15
N SER F 54 31.00 -15.64 -6.46
CA SER F 54 30.82 -15.20 -7.84
C SER F 54 32.14 -14.88 -8.55
N ASN F 55 33.15 -14.38 -7.83
CA ASN F 55 34.47 -14.09 -8.41
C ASN F 55 35.46 -15.29 -8.35
N ASP F 56 34.94 -16.50 -8.03
CA ASP F 56 35.67 -17.77 -7.93
C ASP F 56 36.61 -17.88 -6.71
N VAL F 57 36.47 -16.96 -5.75
CA VAL F 57 37.23 -17.04 -4.50
C VAL F 57 36.49 -18.05 -3.62
N ARG F 58 37.22 -18.93 -2.93
CA ARG F 58 36.60 -19.88 -2.02
C ARG F 58 36.62 -19.26 -0.63
N GLU F 59 35.57 -19.50 0.12
CA GLU F 59 35.41 -19.00 1.47
C GLU F 59 34.85 -20.13 2.32
N PRO F 60 35.13 -20.20 3.62
CA PRO F 60 34.45 -21.22 4.45
C PRO F 60 32.95 -20.90 4.52
N PHE F 61 32.13 -21.92 4.73
CA PHE F 61 30.69 -21.72 4.86
C PHE F 61 30.42 -20.88 6.12
N ASN F 62 29.76 -19.75 5.95
CA ASN F 62 29.49 -18.83 7.05
C ASN F 62 27.99 -18.77 7.31
N GLU F 63 27.53 -19.46 8.33
CA GLU F 63 26.12 -19.54 8.70
C GLU F 63 25.54 -18.16 8.98
N GLU F 64 26.35 -17.23 9.52
CA GLU F 64 25.86 -15.90 9.82
C GLU F 64 25.58 -15.09 8.55
N LYS F 65 26.38 -15.28 7.51
CA LYS F 65 26.19 -14.62 6.23
C LYS F 65 24.85 -15.08 5.62
N LEU F 66 24.59 -16.40 5.70
CA LEU F 66 23.39 -17.04 5.19
C LEU F 66 22.16 -16.52 5.94
N ARG F 67 22.21 -16.49 7.28
CA ARG F 67 21.13 -16.03 8.13
C ARG F 67 20.86 -14.52 8.01
N SER F 68 21.91 -13.67 8.04
CA SER F 68 21.68 -12.22 7.97
C SER F 68 21.05 -11.79 6.64
N GLY F 69 21.30 -12.51 5.57
CA GLY F 69 20.68 -12.22 4.28
C GLY F 69 19.19 -12.52 4.31
N MET F 70 18.81 -13.66 4.95
CA MET F 70 17.42 -14.03 5.10
C MET F 70 16.70 -13.08 6.05
N LEU F 71 17.38 -12.65 7.14
CA LEU F 71 16.76 -11.72 8.07
C LEU F 71 16.56 -10.33 7.50
N ARG F 72 17.35 -9.93 6.51
CA ARG F 72 17.13 -8.65 5.85
C ARG F 72 15.81 -8.74 5.05
N ALA F 73 15.63 -9.86 4.31
CA ALA F 73 14.44 -10.09 3.53
C ALA F 73 13.20 -10.26 4.41
N LEU F 74 13.36 -10.89 5.58
CA LEU F 74 12.26 -11.16 6.49
C LEU F 74 11.92 -10.02 7.44
N GLU F 75 12.46 -8.80 7.20
CA GLU F 75 12.17 -7.66 8.07
C GLU F 75 10.68 -7.40 8.17
N LYS F 76 10.18 -7.34 9.41
CA LYS F 76 8.79 -7.05 9.72
C LYS F 76 7.81 -8.10 9.17
N ARG F 77 8.29 -9.33 8.87
CA ARG F 77 7.44 -10.40 8.38
C ARG F 77 7.04 -11.35 9.49
N PRO F 78 5.83 -11.94 9.43
CA PRO F 78 5.39 -12.83 10.52
C PRO F 78 5.94 -14.25 10.47
N VAL F 79 7.26 -14.39 10.47
CA VAL F 79 7.91 -15.67 10.47
C VAL F 79 8.73 -15.76 11.76
N SER F 80 8.53 -16.83 12.55
CA SER F 80 9.25 -16.96 13.82
C SER F 80 10.73 -17.31 13.63
N SER F 81 11.56 -17.09 14.67
CA SER F 81 12.98 -17.46 14.60
C SER F 81 13.13 -18.99 14.46
N ASP F 82 12.16 -19.77 14.97
CA ASP F 82 12.20 -21.22 14.85
C ASP F 82 12.01 -21.63 13.39
N ASP F 83 11.12 -20.95 12.65
CA ASP F 83 10.90 -21.21 11.22
C ASP F 83 12.17 -20.91 10.44
N VAL F 84 12.86 -19.81 10.78
CA VAL F 84 14.10 -19.41 10.15
C VAL F 84 15.20 -20.41 10.45
N GLU F 85 15.30 -20.86 11.70
CA GLU F 85 16.30 -21.85 12.07
C GLU F 85 16.04 -23.20 11.44
N MET F 86 14.78 -23.58 11.24
CA MET F 86 14.46 -24.82 10.56
C MET F 86 14.79 -24.71 9.07
N ALA F 87 14.59 -23.52 8.47
CA ALA F 87 14.89 -23.30 7.07
C ALA F 87 16.41 -23.37 6.88
N ILE F 88 17.19 -22.76 7.81
CA ILE F 88 18.66 -22.80 7.75
C ILE F 88 19.17 -24.22 7.91
N ASN F 89 18.61 -24.98 8.85
CA ASN F 89 18.98 -26.39 9.05
C ASN F 89 18.70 -27.22 7.80
N HIS F 90 17.58 -26.94 7.14
CA HIS F 90 17.23 -27.65 5.92
C HIS F 90 18.23 -27.32 4.82
N ILE F 91 18.62 -26.02 4.68
CA ILE F 91 19.61 -25.60 3.69
C ILE F 91 20.93 -26.34 3.93
N LYS F 92 21.40 -26.34 5.20
CA LYS F 92 22.64 -26.99 5.60
C LYS F 92 22.61 -28.46 5.33
N SER F 93 21.48 -29.11 5.58
CA SER F 93 21.30 -30.53 5.32
C SER F 93 21.45 -30.83 3.83
N GLN F 94 20.88 -29.97 2.97
CA GLN F 94 20.95 -30.17 1.53
C GLN F 94 22.36 -29.95 1.02
N LEU F 95 23.07 -28.96 1.55
CA LEU F 95 24.45 -28.72 1.13
C LEU F 95 25.34 -29.90 1.54
N ARG F 96 25.16 -30.42 2.75
CA ARG F 96 25.89 -31.58 3.22
C ARG F 96 25.58 -32.82 2.39
N ALA F 97 24.32 -33.02 2.02
CA ALA F 97 23.89 -34.19 1.23
C ALA F 97 24.55 -34.25 -0.15
N THR F 98 25.04 -33.10 -0.69
CA THR F 98 25.72 -33.11 -1.98
C THR F 98 27.05 -33.90 -1.91
N GLY F 99 27.67 -33.96 -0.73
CA GLY F 99 28.94 -34.63 -0.54
C GLY F 99 30.13 -33.87 -1.14
N GLU F 100 29.88 -32.65 -1.65
CA GLU F 100 30.91 -31.86 -2.28
C GLU F 100 31.80 -31.13 -1.33
N ARG F 101 33.05 -30.96 -1.76
CA ARG F 101 34.13 -30.24 -1.10
C ARG F 101 33.80 -28.74 -1.09
N GLU F 102 33.17 -28.26 -2.15
CA GLU F 102 32.78 -26.88 -2.28
C GLU F 102 31.48 -26.78 -3.11
N VAL F 103 30.72 -25.73 -2.87
CA VAL F 103 29.49 -25.49 -3.60
C VAL F 103 29.45 -24.03 -4.05
N PRO F 104 28.89 -23.75 -5.23
CA PRO F 104 28.80 -22.34 -5.66
C PRO F 104 27.81 -21.56 -4.83
N SER F 105 28.06 -20.25 -4.66
CA SER F 105 27.19 -19.33 -3.91
C SER F 105 25.77 -19.39 -4.44
N LYS F 106 25.61 -19.56 -5.76
CA LYS F 106 24.36 -19.71 -6.48
C LYS F 106 23.51 -20.84 -5.93
N MET F 107 24.13 -21.98 -5.56
CA MET F 107 23.39 -23.09 -4.99
C MET F 107 22.76 -22.68 -3.64
N ILE F 108 23.53 -21.93 -2.83
CA ILE F 108 23.02 -21.43 -1.55
C ILE F 108 21.88 -20.46 -1.78
N GLY F 109 22.07 -19.51 -2.69
CA GLY F 109 21.03 -18.55 -3.05
C GLY F 109 19.74 -19.18 -3.52
N ASN F 110 19.85 -20.17 -4.39
CA ASN F 110 18.67 -20.87 -4.90
C ASN F 110 17.95 -21.60 -3.77
N LEU F 111 18.73 -22.26 -2.87
CA LEU F 111 18.18 -22.96 -1.71
C LEU F 111 17.46 -22.01 -0.75
N VAL F 112 17.99 -20.81 -0.53
CA VAL F 112 17.34 -19.81 0.33
C VAL F 112 16.01 -19.37 -0.29
N MET F 113 16.01 -19.12 -1.62
CA MET F 113 14.82 -18.69 -2.33
C MET F 113 13.69 -19.68 -2.21
N GLU F 114 14.02 -20.98 -2.27
CA GLU F 114 13.04 -22.03 -2.16
C GLU F 114 12.41 -22.01 -0.77
N GLN F 115 13.21 -21.75 0.30
CA GLN F 115 12.69 -21.63 1.66
C GLN F 115 11.84 -20.37 1.82
N LEU F 116 12.28 -19.25 1.24
CA LEU F 116 11.55 -18.00 1.31
C LEU F 116 10.22 -18.05 0.59
N LYS F 117 10.13 -18.82 -0.50
CA LYS F 117 8.89 -19.02 -1.23
C LYS F 117 7.84 -19.68 -0.30
N LYS F 118 8.28 -20.60 0.55
CA LYS F 118 7.43 -21.32 1.50
C LYS F 118 7.10 -20.43 2.70
N LEU F 119 8.09 -19.70 3.23
CA LEU F 119 7.91 -18.86 4.41
C LEU F 119 7.10 -17.57 4.18
N ASP F 120 7.57 -16.69 3.27
CA ASP F 120 6.92 -15.40 3.05
C ASP F 120 7.24 -14.85 1.66
N LYS F 121 6.20 -14.61 0.85
CA LYS F 121 6.38 -14.11 -0.51
C LYS F 121 6.98 -12.70 -0.60
N VAL F 122 6.69 -11.82 0.38
CA VAL F 122 7.27 -10.48 0.38
C VAL F 122 8.78 -10.59 0.58
N ALA F 123 9.20 -11.47 1.51
CA ALA F 123 10.61 -11.72 1.80
C ALA F 123 11.29 -12.25 0.55
N TYR F 124 10.62 -13.16 -0.18
CA TYR F 124 11.11 -13.72 -1.43
C TYR F 124 11.43 -12.62 -2.45
N ILE F 125 10.53 -11.67 -2.66
CA ILE F 125 10.77 -10.60 -3.62
C ILE F 125 11.91 -9.71 -3.17
N ARG F 126 11.99 -9.39 -1.86
CA ARG F 126 13.05 -8.54 -1.33
C ARG F 126 14.41 -9.20 -1.57
N PHE F 127 14.53 -10.49 -1.23
CA PHE F 127 15.76 -11.24 -1.42
C PHE F 127 16.10 -11.31 -2.91
N ALA F 128 15.12 -11.70 -3.76
CA ALA F 128 15.32 -11.79 -5.21
C ALA F 128 15.80 -10.45 -5.79
N SER F 129 15.34 -9.32 -5.27
CA SER F 129 15.73 -8.02 -5.81
C SER F 129 17.23 -7.77 -5.67
N VAL F 130 17.88 -8.40 -4.69
CA VAL F 130 19.31 -8.25 -4.48
C VAL F 130 20.05 -9.47 -5.07
N TYR F 131 19.58 -10.68 -4.81
CA TYR F 131 20.19 -11.90 -5.35
C TYR F 131 20.22 -11.92 -6.88
N ARG F 132 19.14 -11.48 -7.52
CA ARG F 132 19.09 -11.38 -8.98
C ARG F 132 19.45 -9.97 -9.48
N SER F 133 19.99 -9.11 -8.59
CA SER F 133 20.45 -7.75 -8.79
C SER F 133 19.59 -6.95 -9.77
N PHE F 134 18.38 -6.56 -9.36
CA PHE F 134 17.46 -5.84 -10.23
C PHE F 134 18.05 -4.50 -10.64
N GLU F 135 18.05 -4.21 -11.94
CA GLU F 135 18.53 -2.94 -12.48
C GLU F 135 17.42 -2.00 -12.91
N ASP F 136 16.19 -2.51 -13.03
CA ASP F 136 15.03 -1.71 -13.40
C ASP F 136 13.85 -2.08 -12.49
N ILE F 137 12.97 -1.10 -12.28
CA ILE F 137 11.78 -1.26 -11.47
C ILE F 137 10.83 -2.32 -12.03
N LYS F 138 10.81 -2.52 -13.36
CA LYS F 138 9.96 -3.52 -13.98
C LYS F 138 10.27 -4.93 -13.50
N GLU F 139 11.53 -5.20 -13.09
CA GLU F 139 11.94 -6.51 -12.64
C GLU F 139 11.16 -7.00 -11.44
N PHE F 140 10.59 -6.08 -10.62
CA PHE F 140 9.78 -6.48 -9.48
C PHE F 140 8.50 -7.13 -9.99
N GLY F 141 7.85 -6.50 -10.97
CA GLY F 141 6.63 -7.02 -11.59
C GLY F 141 6.85 -8.32 -12.30
N GLU F 142 8.02 -8.47 -12.93
CA GLU F 142 8.39 -9.69 -13.63
C GLU F 142 8.62 -10.84 -12.65
N GLU F 143 9.25 -10.55 -11.50
CA GLU F 143 9.47 -11.56 -10.49
C GLU F 143 8.15 -11.98 -9.84
N ILE F 144 7.22 -11.03 -9.65
CA ILE F 144 5.90 -11.27 -9.08
C ILE F 144 5.06 -12.12 -10.04
N ALA F 145 5.12 -11.81 -11.33
CA ALA F 145 4.40 -12.55 -12.36
C ALA F 145 4.85 -14.01 -12.40
N ARG F 146 6.15 -14.24 -12.27
CA ARG F 146 6.74 -15.57 -12.25
C ARG F 146 6.24 -16.35 -11.03
N LEU F 147 6.11 -15.66 -9.88
CA LEU F 147 5.64 -16.26 -8.62
C LEU F 147 4.19 -16.74 -8.70
N GLU F 148 3.36 -16.12 -9.55
CA GLU F 148 1.97 -16.52 -9.70
C GLU F 148 1.79 -17.90 -10.37
N ASP F 149 2.88 -18.67 -10.55
CA ASP F 149 2.87 -19.99 -11.17
C ASP F 149 3.41 -21.07 -10.20
N MET G 1 20.79 -37.95 20.90
CA MET G 1 20.96 -37.15 19.70
C MET G 1 20.89 -38.03 18.46
N HIS G 2 20.25 -37.53 17.39
CA HIS G 2 20.14 -38.28 16.13
C HIS G 2 21.46 -38.27 15.39
N CYS G 3 21.75 -39.35 14.67
CA CYS G 3 22.96 -39.43 13.88
C CYS G 3 22.82 -38.47 12.70
N PRO G 4 23.78 -37.57 12.49
CA PRO G 4 23.71 -36.68 11.33
C PRO G 4 24.03 -37.37 9.99
N PHE G 5 24.43 -38.64 10.03
CA PHE G 5 24.80 -39.38 8.84
C PHE G 5 23.68 -40.31 8.38
N CYS G 6 23.19 -41.20 9.24
CA CYS G 6 22.12 -42.12 8.86
C CYS G 6 20.78 -41.78 9.57
N PHE G 7 19.78 -42.66 9.47
CA PHE G 7 18.45 -42.51 10.03
C PHE G 7 18.32 -42.91 11.50
N ALA G 8 19.44 -43.04 12.23
CA ALA G 8 19.35 -43.49 13.61
C ALA G 8 18.98 -42.37 14.61
N VAL G 9 17.90 -42.59 15.35
CA VAL G 9 17.38 -41.65 16.33
C VAL G 9 18.20 -41.56 17.62
N ASP G 10 19.25 -42.40 17.77
CA ASP G 10 20.12 -42.27 18.94
C ASP G 10 21.56 -42.64 18.65
N THR G 11 22.44 -41.98 19.41
CA THR G 11 23.88 -42.12 19.35
C THR G 11 24.43 -42.28 20.77
N LYS G 12 25.54 -43.01 20.90
CA LYS G 12 26.18 -43.27 22.19
C LYS G 12 27.29 -42.23 22.45
N VAL G 13 27.37 -41.70 23.67
CA VAL G 13 28.44 -40.79 24.03
C VAL G 13 29.63 -41.67 24.39
N ILE G 14 30.69 -41.62 23.58
CA ILE G 14 31.88 -42.45 23.82
C ILE G 14 33.00 -41.69 24.54
N ASP G 15 32.93 -40.36 24.58
CA ASP G 15 33.93 -39.56 25.28
C ASP G 15 33.39 -38.18 25.66
N SER G 16 33.90 -37.62 26.75
CA SER G 16 33.47 -36.32 27.24
C SER G 16 34.66 -35.58 27.87
N ARG G 17 34.70 -34.27 27.68
CA ARG G 17 35.81 -33.46 28.20
C ARG G 17 35.34 -32.02 28.42
N LEU G 18 35.83 -31.37 29.49
CA LEU G 18 35.51 -29.97 29.73
C LEU G 18 36.38 -29.11 28.87
N VAL G 19 35.78 -28.15 28.19
CA VAL G 19 36.49 -27.19 27.35
C VAL G 19 36.01 -25.75 27.68
N GLY G 20 36.72 -24.74 27.17
CA GLY G 20 36.35 -23.35 27.41
C GLY G 20 36.48 -22.96 28.86
N GLU G 21 37.55 -23.46 29.52
CA GLU G 21 37.83 -23.23 30.93
C GLU G 21 36.65 -23.68 31.81
N GLY G 22 36.13 -24.87 31.50
CA GLY G 22 35.05 -25.51 32.24
C GLY G 22 33.64 -25.06 31.89
N SER G 23 33.51 -24.08 31.00
CA SER G 23 32.18 -23.56 30.65
C SER G 23 31.42 -24.37 29.60
N SER G 24 32.10 -25.31 28.91
CA SER G 24 31.44 -26.12 27.87
C SER G 24 31.83 -27.58 27.95
N VAL G 25 30.95 -28.47 27.46
CA VAL G 25 31.24 -29.89 27.45
C VAL G 25 31.41 -30.38 26.01
N ARG G 26 32.62 -30.84 25.66
CA ARG G 26 32.87 -31.38 24.33
C ARG G 26 32.64 -32.87 24.41
N ARG G 27 31.80 -33.40 23.53
CA ARG G 27 31.53 -34.82 23.50
C ARG G 27 31.89 -35.44 22.18
N ARG G 28 32.17 -36.73 22.23
CA ARG G 28 32.45 -37.50 21.05
C ARG G 28 31.36 -38.56 21.03
N ARG G 29 30.56 -38.56 19.96
CA ARG G 29 29.44 -39.50 19.86
C ARG G 29 29.66 -40.51 18.74
N GLN G 30 29.04 -41.68 18.86
CA GLN G 30 29.15 -42.74 17.88
C GLN G 30 27.78 -43.31 17.55
N CYS G 31 27.46 -43.45 16.27
CA CYS G 31 26.19 -44.07 15.88
C CYS G 31 26.34 -45.57 16.03
N LEU G 32 25.35 -46.21 16.63
CA LEU G 32 25.41 -47.67 16.79
C LEU G 32 25.00 -48.44 15.53
N VAL G 33 24.36 -47.77 14.55
CA VAL G 33 23.91 -48.39 13.31
C VAL G 33 24.96 -48.24 12.21
N CYS G 34 25.37 -47.01 11.89
CA CYS G 34 26.35 -46.77 10.83
C CYS G 34 27.80 -46.69 11.32
N ASN G 35 28.02 -46.70 12.64
CA ASN G 35 29.33 -46.67 13.30
C ASN G 35 30.13 -45.39 13.07
N GLU G 36 29.48 -44.33 12.57
CA GLU G 36 30.16 -43.05 12.38
C GLU G 36 30.49 -42.40 13.74
N ARG G 37 31.44 -41.47 13.76
CA ARG G 37 31.80 -40.72 14.96
C ARG G 37 31.83 -39.21 14.65
N PHE G 38 31.37 -38.41 15.60
CA PHE G 38 31.30 -36.96 15.43
C PHE G 38 31.42 -36.21 16.77
N THR G 39 31.75 -34.92 16.70
CA THR G 39 31.94 -34.11 17.89
C THR G 39 30.75 -33.21 18.12
N THR G 40 30.42 -32.99 19.38
CA THR G 40 29.36 -32.07 19.78
C THR G 40 29.88 -31.12 20.88
N PHE G 41 29.20 -29.99 21.04
CA PHE G 41 29.55 -29.03 22.08
C PHE G 41 28.32 -28.65 22.83
N GLU G 42 28.40 -28.66 24.16
CA GLU G 42 27.28 -28.32 25.02
C GLU G 42 27.58 -26.98 25.64
N VAL G 43 26.77 -25.97 25.34
CA VAL G 43 26.99 -24.62 25.84
C VAL G 43 25.78 -24.09 26.58
N ALA G 44 26.00 -23.33 27.66
CA ALA G 44 24.88 -22.75 28.40
C ALA G 44 24.25 -21.56 27.65
N GLU G 45 22.92 -21.43 27.73
CA GLU G 45 22.18 -20.33 27.13
C GLU G 45 21.99 -19.30 28.26
N LEU G 46 22.97 -18.40 28.43
CA LEU G 46 22.95 -17.42 29.52
C LEU G 46 22.32 -16.07 29.15
N VAL G 47 21.03 -16.08 28.80
CA VAL G 47 20.34 -14.84 28.47
C VAL G 47 19.15 -14.65 29.40
N MET G 48 19.28 -13.64 30.27
CA MET G 48 18.30 -13.20 31.27
C MET G 48 17.00 -12.84 30.58
N PRO G 49 15.82 -12.94 31.24
CA PRO G 49 14.57 -12.55 30.57
C PRO G 49 14.60 -11.09 30.11
N ARG G 50 13.91 -10.80 29.01
CA ARG G 50 13.81 -9.43 28.51
C ARG G 50 12.97 -8.61 29.51
N VAL G 51 13.04 -7.29 29.42
CA VAL G 51 12.33 -6.41 30.34
C VAL G 51 11.19 -5.69 29.64
N VAL G 52 9.97 -5.86 30.15
CA VAL G 52 8.82 -5.16 29.61
C VAL G 52 8.77 -3.84 30.34
N LYS G 53 9.13 -2.74 29.68
CA LYS G 53 9.15 -1.43 30.31
C LYS G 53 7.75 -0.85 30.54
N SER G 54 7.64 0.24 31.30
CA SER G 54 6.35 0.86 31.62
C SER G 54 5.48 1.16 30.40
N ASN G 55 6.09 1.51 29.27
CA ASN G 55 5.36 1.80 28.04
C ASN G 55 5.14 0.56 27.13
N ASP G 56 5.37 -0.64 27.68
CA ASP G 56 5.23 -1.96 27.03
C ASP G 56 6.28 -2.26 25.96
N VAL G 57 7.34 -1.46 25.87
CA VAL G 57 8.44 -1.73 24.96
C VAL G 57 9.33 -2.78 25.62
N ARG G 58 9.79 -3.77 24.87
CA ARG G 58 10.69 -4.78 25.43
C ARG G 58 12.13 -4.36 25.16
N GLU G 59 13.01 -4.61 26.11
CA GLU G 59 14.42 -4.33 25.94
C GLU G 59 15.24 -5.38 26.68
N PRO G 60 16.46 -5.69 26.22
CA PRO G 60 17.25 -6.74 26.89
C PRO G 60 17.59 -6.35 28.33
N PHE G 61 17.75 -7.35 29.19
CA PHE G 61 18.11 -7.12 30.58
C PHE G 61 19.50 -6.47 30.64
N ASN G 62 19.60 -5.31 31.31
CA ASN G 62 20.84 -4.56 31.42
C ASN G 62 21.25 -4.47 32.88
N GLU G 63 22.23 -5.30 33.28
CA GLU G 63 22.73 -5.34 34.65
C GLU G 63 23.23 -3.99 35.16
N GLU G 64 23.79 -3.17 34.27
CA GLU G 64 24.30 -1.86 34.67
C GLU G 64 23.18 -0.90 35.01
N LYS G 65 22.03 -0.99 34.32
CA LYS G 65 20.86 -0.17 34.63
C LYS G 65 20.33 -0.50 36.02
N LEU G 66 20.33 -1.80 36.37
CA LEU G 66 19.86 -2.31 37.66
C LEU G 66 20.80 -1.84 38.78
N ARG G 67 22.11 -2.00 38.58
CA ARG G 67 23.10 -1.63 39.56
C ARG G 67 23.20 -0.12 39.78
N SER G 68 23.23 0.69 38.71
CA SER G 68 23.38 2.13 38.87
C SER G 68 22.23 2.77 39.64
N GLY G 69 21.04 2.21 39.51
CA GLY G 69 19.87 2.68 40.23
C GLY G 69 20.02 2.42 41.71
N MET G 70 20.51 1.23 42.06
CA MET G 70 20.75 0.85 43.44
C MET G 70 21.87 1.69 44.04
N LEU G 71 22.93 1.94 43.29
CA LEU G 71 24.05 2.73 43.80
C LEU G 71 23.69 4.17 44.05
N ARG G 72 22.71 4.72 43.31
CA ARG G 72 22.24 6.08 43.53
C ARG G 72 21.56 6.13 44.89
N ALA G 73 20.70 5.15 45.18
CA ALA G 73 19.95 5.03 46.42
C ALA G 73 20.85 4.84 47.64
N LEU G 74 21.89 3.98 47.57
CA LEU G 74 22.72 3.77 48.74
C LEU G 74 24.01 4.60 48.69
N GLU G 75 23.92 5.83 48.15
CA GLU G 75 25.00 6.81 48.23
C GLU G 75 25.26 7.15 49.70
N LYS G 76 26.54 7.11 50.12
CA LYS G 76 26.98 7.45 51.47
C LYS G 76 26.39 6.54 52.57
N ARG G 77 25.90 5.35 52.19
CA ARG G 77 25.35 4.41 53.17
C ARG G 77 26.37 3.32 53.50
N PRO G 78 26.34 2.78 54.73
CA PRO G 78 27.32 1.75 55.11
C PRO G 78 27.01 0.34 54.60
N VAL G 79 26.96 0.18 53.28
CA VAL G 79 26.69 -1.09 52.62
C VAL G 79 27.87 -1.33 51.69
N SER G 80 28.55 -2.48 51.82
CA SER G 80 29.71 -2.79 51.02
C SER G 80 29.36 -3.15 49.57
N SER G 81 30.33 -3.11 48.65
CA SER G 81 30.10 -3.51 47.25
C SER G 81 29.75 -5.00 47.16
N ASP G 82 30.24 -5.82 48.11
CA ASP G 82 29.95 -7.23 48.14
C ASP G 82 28.49 -7.46 48.47
N ASP G 83 27.93 -6.67 49.41
CA ASP G 83 26.50 -6.75 49.77
C ASP G 83 25.64 -6.40 48.57
N VAL G 84 26.04 -5.36 47.81
CA VAL G 84 25.34 -4.92 46.61
C VAL G 84 25.41 -6.00 45.54
N GLU G 85 26.58 -6.61 45.34
CA GLU G 85 26.73 -7.65 44.35
C GLU G 85 25.95 -8.91 44.70
N MET G 86 25.85 -9.22 46.00
CA MET G 86 25.06 -10.36 46.44
C MET G 86 23.57 -10.07 46.26
N ALA G 87 23.13 -8.82 46.48
CA ALA G 87 21.74 -8.42 46.30
C ALA G 87 21.40 -8.51 44.81
N ILE G 88 22.30 -8.04 43.92
CA ILE G 88 22.10 -8.11 42.48
C ILE G 88 22.00 -9.56 42.01
N ASN G 89 22.90 -10.43 42.50
CA ASN G 89 22.87 -11.85 42.17
C ASN G 89 21.57 -12.50 42.62
N HIS G 90 21.06 -12.10 43.79
CA HIS G 90 19.81 -12.62 44.30
C HIS G 90 18.65 -12.16 43.43
N ILE G 91 18.65 -10.89 42.98
CA ILE G 91 17.61 -10.37 42.10
C ILE G 91 17.60 -11.15 40.79
N LYS G 92 18.79 -11.37 40.19
CA LYS G 92 18.94 -12.12 38.95
C LYS G 92 18.45 -13.54 39.10
N SER G 93 18.73 -14.16 40.27
CA SER G 93 18.28 -15.51 40.57
C SER G 93 16.77 -15.59 40.61
N GLN G 94 16.12 -14.58 41.20
CA GLN G 94 14.67 -14.56 41.31
C GLN G 94 14.02 -14.34 39.95
N LEU G 95 14.63 -13.49 39.10
CA LEU G 95 14.10 -13.26 37.76
C LEU G 95 14.21 -14.55 36.93
N ARG G 96 15.34 -15.25 37.04
CA ARG G 96 15.54 -16.50 36.34
C ARG G 96 14.58 -17.59 36.86
N ALA G 97 14.31 -17.63 38.16
CA ALA G 97 13.40 -18.61 38.77
C ALA G 97 11.96 -18.49 38.26
N THR G 98 11.58 -17.33 37.71
CA THR G 98 10.23 -17.19 37.17
C THR G 98 10.00 -18.07 35.94
N GLY G 99 11.08 -18.39 35.22
CA GLY G 99 11.02 -19.18 34.00
C GLY G 99 10.41 -18.43 32.82
N GLU G 100 10.21 -17.11 32.96
CA GLU G 100 9.61 -16.30 31.94
C GLU G 100 10.63 -15.80 30.91
N ARG G 101 10.16 -15.65 29.68
CA ARG G 101 10.94 -15.08 28.58
C ARG G 101 11.15 -13.58 28.82
N GLU G 102 10.14 -12.91 29.41
CA GLU G 102 10.19 -11.50 29.73
C GLU G 102 9.55 -11.23 31.08
N VAL G 103 10.07 -10.24 31.81
CA VAL G 103 9.56 -9.84 33.12
C VAL G 103 9.32 -8.33 33.12
N PRO G 104 8.22 -7.85 33.73
CA PRO G 104 7.98 -6.41 33.73
C PRO G 104 8.99 -5.66 34.59
N SER G 105 9.35 -4.42 34.21
CA SER G 105 10.29 -3.60 34.98
C SER G 105 9.79 -3.38 36.44
N LYS G 106 8.45 -3.49 36.66
CA LYS G 106 7.82 -3.40 37.97
C LYS G 106 8.30 -4.54 38.88
N MET G 107 8.54 -5.73 38.32
CA MET G 107 9.01 -6.86 39.11
C MET G 107 10.45 -6.59 39.54
N ILE G 108 11.29 -6.02 38.65
CA ILE G 108 12.68 -5.70 39.00
C ILE G 108 12.70 -4.66 40.09
N GLY G 109 11.90 -3.61 39.94
CA GLY G 109 11.80 -2.56 40.93
C GLY G 109 11.37 -3.08 42.30
N ASN G 110 10.33 -3.91 42.35
CA ASN G 110 9.87 -4.48 43.61
C ASN G 110 10.94 -5.37 44.23
N LEU G 111 11.67 -6.14 43.42
CA LEU G 111 12.73 -7.01 43.93
C LEU G 111 13.88 -6.20 44.52
N VAL G 112 14.24 -5.06 43.90
CA VAL G 112 15.28 -4.18 44.37
C VAL G 112 14.87 -3.59 45.73
N MET G 113 13.60 -3.18 45.85
CA MET G 113 13.03 -2.61 47.06
C MET G 113 13.14 -3.60 48.22
N GLU G 114 12.91 -4.90 47.99
CA GLU G 114 13.03 -5.89 49.03
C GLU G 114 14.46 -6.02 49.51
N GLN G 115 15.42 -5.97 48.59
CA GLN G 115 16.83 -6.02 48.95
C GLN G 115 17.22 -4.75 49.72
N LEU G 116 16.70 -3.60 49.29
CA LEU G 116 16.95 -2.32 49.91
C LEU G 116 16.40 -2.21 51.32
N LYS G 117 15.23 -2.82 51.63
CA LYS G 117 14.75 -2.77 53.01
C LYS G 117 15.67 -3.63 53.92
N LYS G 118 16.31 -4.69 53.38
CA LYS G 118 17.24 -5.49 54.17
C LYS G 118 18.59 -4.77 54.32
N LEU G 119 19.08 -4.13 53.26
CA LEU G 119 20.37 -3.44 53.27
C LEU G 119 20.37 -2.10 54.01
N ASP G 120 19.53 -1.14 53.59
CA ASP G 120 19.48 0.18 54.21
C ASP G 120 18.15 0.90 53.97
N LYS G 121 17.45 1.26 55.03
CA LYS G 121 16.15 1.90 54.93
C LYS G 121 16.19 3.31 54.32
N VAL G 122 17.29 4.06 54.50
CA VAL G 122 17.42 5.38 53.88
C VAL G 122 17.49 5.21 52.36
N ALA G 123 18.28 4.22 51.88
CA ALA G 123 18.39 3.88 50.46
C ALA G 123 17.03 3.51 49.91
N TYR G 124 16.25 2.72 50.67
CA TYR G 124 14.91 2.31 50.30
C TYR G 124 14.03 3.51 50.00
N ILE G 125 14.02 4.52 50.88
CA ILE G 125 13.20 5.71 50.68
C ILE G 125 13.64 6.48 49.45
N ARG G 126 14.97 6.62 49.27
CA ARG G 126 15.54 7.34 48.12
C ARG G 126 15.10 6.67 46.82
N PHE G 127 15.24 5.33 46.73
CA PHE G 127 14.84 4.58 45.55
C PHE G 127 13.33 4.71 45.33
N ALA G 128 12.53 4.49 46.39
CA ALA G 128 11.07 4.59 46.31
C ALA G 128 10.62 5.96 45.84
N SER G 129 11.35 7.04 46.21
CA SER G 129 10.96 8.39 45.78
C SER G 129 11.00 8.58 44.27
N VAL G 130 11.84 7.78 43.57
CA VAL G 130 11.94 7.84 42.12
C VAL G 130 11.11 6.73 41.50
N TYR G 131 11.24 5.49 42.00
CA TYR G 131 10.49 4.34 41.50
C TYR G 131 8.97 4.55 41.59
N ARG G 132 8.50 5.12 42.69
CA ARG G 132 7.08 5.43 42.84
C ARG G 132 6.74 6.89 42.43
N SER G 133 7.70 7.58 41.80
CA SER G 133 7.65 8.94 41.29
C SER G 133 6.85 9.89 42.17
N PHE G 134 7.41 10.26 43.33
CA PHE G 134 6.74 11.15 44.27
C PHE G 134 6.51 12.52 43.65
N GLU G 135 5.27 13.01 43.73
CA GLU G 135 4.93 14.34 43.23
C GLU G 135 4.75 15.37 44.35
N ASP G 136 4.53 14.91 45.58
CA ASP G 136 4.37 15.78 46.73
C ASP G 136 5.28 15.32 47.88
N ILE G 137 5.71 16.29 48.69
CA ILE G 137 6.58 16.05 49.83
C ILE G 137 5.95 15.10 50.86
N LYS G 138 4.60 15.07 50.95
CA LYS G 138 3.89 14.18 51.89
C LYS G 138 4.16 12.70 51.62
N GLU G 139 4.43 12.35 50.35
CA GLU G 139 4.68 10.97 49.97
C GLU G 139 5.87 10.35 50.69
N PHE G 140 6.83 11.17 51.17
CA PHE G 140 7.97 10.63 51.91
C PHE G 140 7.48 10.05 53.23
N GLY G 141 6.65 10.80 53.95
CA GLY G 141 6.09 10.36 55.22
C GLY G 141 5.22 9.14 55.05
N GLU G 142 4.44 9.11 53.97
CA GLU G 142 3.56 7.99 53.64
C GLU G 142 4.36 6.73 53.35
N GLU G 143 5.50 6.88 52.66
CA GLU G 143 6.37 5.73 52.38
C GLU G 143 7.04 5.22 53.66
N ILE G 144 7.39 6.14 54.56
CA ILE G 144 8.00 5.82 55.86
C ILE G 144 7.00 5.05 56.72
N ALA G 145 5.73 5.48 56.71
CA ALA G 145 4.68 4.81 57.47
C ALA G 145 4.51 3.36 57.00
N ARG G 146 4.69 3.08 55.69
CA ARG G 146 4.62 1.72 55.15
C ARG G 146 5.69 0.83 55.80
N LEU G 147 6.96 1.27 55.80
CA LEU G 147 8.11 0.56 56.38
C LEU G 147 7.86 0.11 57.82
N GLU G 148 7.32 1.00 58.66
CA GLU G 148 7.05 0.70 60.07
C GLU G 148 6.02 -0.43 60.19
N ASP G 149 4.96 -0.37 59.37
CA ASP G 149 3.90 -1.36 59.36
C ASP G 149 4.46 -2.70 58.89
N HIS G 150 5.33 -2.69 57.88
CA HIS G 150 5.92 -3.92 57.36
C HIS G 150 6.77 -4.63 58.42
N HIS G 151 7.69 -3.92 59.07
CA HIS G 151 8.55 -4.51 60.10
C HIS G 151 7.94 -4.37 61.49
N MET H 1 35.37 30.93 11.53
CA MET H 1 35.10 29.57 12.00
C MET H 1 34.88 28.65 10.82
N HIS H 2 35.42 27.44 10.89
CA HIS H 2 35.25 26.45 9.83
C HIS H 2 33.85 25.86 9.89
N CYS H 3 33.31 25.48 8.75
CA CYS H 3 31.99 24.87 8.69
C CYS H 3 32.03 23.50 9.32
N PRO H 4 31.15 23.23 10.29
CA PRO H 4 31.12 21.89 10.91
C PRO H 4 30.50 20.80 10.05
N PHE H 5 29.79 21.16 8.95
CA PHE H 5 29.10 20.17 8.10
C PHE H 5 29.98 19.78 6.91
N CYS H 6 30.17 20.68 5.92
CA CYS H 6 31.23 20.46 4.94
C CYS H 6 32.47 21.02 5.73
N PHE H 7 33.70 21.14 5.13
CA PHE H 7 34.79 21.65 5.97
C PHE H 7 35.43 22.90 5.41
N ALA H 8 34.59 23.80 4.89
CA ALA H 8 35.06 25.07 4.32
C ALA H 8 35.64 25.93 5.45
N VAL H 9 36.75 26.61 5.20
CA VAL H 9 37.48 27.37 6.21
C VAL H 9 36.81 28.67 6.67
N ASP H 10 35.84 29.23 5.93
CA ASP H 10 35.27 30.51 6.36
C ASP H 10 33.75 30.59 6.27
N THR H 11 33.11 30.76 7.44
CA THR H 11 31.67 30.93 7.59
C THR H 11 31.37 32.40 7.88
N LYS H 12 30.24 32.88 7.35
CA LYS H 12 29.83 34.26 7.53
C LYS H 12 28.90 34.37 8.73
N VAL H 13 29.10 35.39 9.57
CA VAL H 13 28.21 35.63 10.70
C VAL H 13 27.06 36.41 10.12
N ILE H 14 25.87 35.81 10.10
CA ILE H 14 24.69 36.47 9.55
C ILE H 14 23.82 37.13 10.63
N ASP H 15 24.00 36.78 11.91
CA ASP H 15 23.25 37.38 13.00
C ASP H 15 24.00 37.26 14.30
N SER H 16 23.84 38.25 15.18
CA SER H 16 24.51 38.29 16.47
C SER H 16 23.61 38.97 17.49
N ARG H 17 23.48 38.37 18.67
CA ARG H 17 22.64 38.93 19.72
C ARG H 17 23.01 38.39 21.08
N LEU H 18 22.71 39.15 22.12
CA LEU H 18 23.06 38.85 23.48
C LEU H 18 22.10 37.91 24.13
N VAL H 19 22.64 36.94 24.84
CA VAL H 19 21.86 35.95 25.60
C VAL H 19 22.46 35.83 27.02
N GLY H 20 21.72 35.19 27.93
CA GLY H 20 22.20 34.96 29.28
C GLY H 20 22.40 36.25 30.05
N GLU H 21 21.44 37.18 29.91
CA GLU H 21 21.46 38.49 30.55
C GLU H 21 22.74 39.27 30.16
N GLY H 22 23.10 39.20 28.88
CA GLY H 22 24.25 39.91 28.34
C GLY H 22 25.61 39.25 28.54
N SER H 23 25.64 38.12 29.23
CA SER H 23 26.91 37.43 29.50
C SER H 23 27.41 36.53 28.37
N SER H 24 26.57 36.26 27.36
CA SER H 24 26.97 35.42 26.23
C SER H 24 26.51 35.98 24.87
N VAL H 25 27.27 35.68 23.81
CA VAL H 25 26.90 36.15 22.47
C VAL H 25 26.46 34.98 21.61
N ARG H 26 25.20 34.99 21.20
CA ARG H 26 24.67 33.96 20.34
C ARG H 26 24.84 34.43 18.90
N ARG H 27 25.47 33.60 18.08
CA ARG H 27 25.65 33.95 16.68
C ARG H 27 24.99 32.93 15.79
N ARG H 28 24.61 33.39 14.62
CA ARG H 28 24.04 32.54 13.61
C ARG H 28 25.02 32.63 12.45
N ARG H 29 25.61 31.49 12.06
CA ARG H 29 26.59 31.48 10.99
C ARG H 29 26.08 30.72 9.76
N GLN H 30 26.56 31.07 8.57
CA GLN H 30 26.20 30.38 7.36
C GLN H 30 27.47 30.10 6.53
N CYS H 31 27.59 28.88 5.96
CA CYS H 31 28.74 28.51 5.12
C CYS H 31 28.53 29.02 3.72
N LEU H 32 29.52 29.72 3.18
CA LEU H 32 29.41 30.26 1.82
C LEU H 32 29.57 29.21 0.73
N VAL H 33 30.08 28.00 1.07
CA VAL H 33 30.26 26.98 0.06
C VAL H 33 29.12 25.96 0.10
N CYS H 34 28.77 25.41 1.27
CA CYS H 34 27.68 24.44 1.34
C CYS H 34 26.30 25.06 1.67
N ASN H 35 26.28 26.36 2.07
CA ASN H 35 25.08 27.11 2.38
C ASN H 35 24.34 26.68 3.64
N GLU H 36 25.01 25.95 4.53
CA GLU H 36 24.37 25.49 5.74
C GLU H 36 24.42 26.52 6.86
N ARG H 37 23.38 26.55 7.69
CA ARG H 37 23.33 27.47 8.84
C ARG H 37 23.45 26.75 10.18
N PHE H 38 23.98 27.43 11.19
CA PHE H 38 24.20 26.86 12.52
C PHE H 38 24.35 27.94 13.59
N THR H 39 24.14 27.56 14.85
CA THR H 39 24.22 28.49 15.96
C THR H 39 25.51 28.28 16.74
N THR H 40 26.09 29.37 17.23
CA THR H 40 27.28 29.31 18.06
C THR H 40 27.04 30.15 19.31
N PHE H 41 27.84 29.89 20.37
CA PHE H 41 27.74 30.64 21.60
C PHE H 41 29.10 31.06 22.03
N GLU H 42 29.25 32.34 22.38
CA GLU H 42 30.52 32.91 22.83
C GLU H 42 30.42 33.16 24.32
N VAL H 43 31.28 32.52 25.10
CA VAL H 43 31.24 32.61 26.56
C VAL H 43 32.60 33.05 27.10
N ALA H 44 32.60 33.89 28.14
CA ALA H 44 33.83 34.36 28.78
C ALA H 44 34.56 33.25 29.51
N GLU H 45 35.87 33.36 29.49
CA GLU H 45 36.82 32.47 30.12
C GLU H 45 37.19 33.12 31.44
N LEU H 46 36.50 32.77 32.52
CA LEU H 46 36.74 33.41 33.82
C LEU H 46 37.26 32.43 34.84
N VAL H 47 37.95 32.94 35.84
CA VAL H 47 38.47 32.10 36.90
C VAL H 47 37.34 31.72 37.89
N MET H 48 37.03 30.38 38.00
CA MET H 48 36.08 29.85 38.98
C MET H 48 36.94 29.46 40.17
N PRO H 49 36.48 29.75 41.38
CA PRO H 49 37.24 29.33 42.56
C PRO H 49 37.39 27.81 42.68
N ARG H 50 38.50 27.34 43.25
CA ARG H 50 38.69 25.92 43.51
C ARG H 50 37.71 25.48 44.62
N VAL H 51 37.51 24.19 44.79
CA VAL H 51 36.57 23.68 45.78
C VAL H 51 37.29 22.94 46.86
N VAL H 52 37.00 23.28 48.13
CA VAL H 52 37.61 22.58 49.24
C VAL H 52 36.66 21.48 49.62
N LYS H 53 37.01 20.25 49.29
CA LYS H 53 36.17 19.11 49.63
C LYS H 53 36.16 18.86 51.14
N SER H 54 35.22 18.03 51.61
CA SER H 54 35.06 17.67 53.01
C SER H 54 36.36 17.16 53.66
N ASN H 55 37.20 16.44 52.89
CA ASN H 55 38.48 15.91 53.40
C ASN H 55 39.66 16.91 53.26
N ASP H 56 39.36 18.20 52.96
CA ASP H 56 40.30 19.32 52.79
C ASP H 56 41.17 19.25 51.53
N VAL H 57 40.85 18.33 50.60
CA VAL H 57 41.56 18.26 49.34
C VAL H 57 40.98 19.34 48.44
N ARG H 58 41.83 20.08 47.71
CA ARG H 58 41.32 21.09 46.79
C ARG H 58 41.19 20.44 45.41
N GLU H 59 40.15 20.80 44.69
CA GLU H 59 39.96 20.34 43.32
C GLU H 59 39.33 21.43 42.50
N PRO H 60 39.61 21.49 41.17
CA PRO H 60 39.05 22.58 40.38
C PRO H 60 37.53 22.50 40.32
N PHE H 61 36.89 23.66 40.12
CA PHE H 61 35.45 23.73 40.02
C PHE H 61 35.00 22.92 38.80
N ASN H 62 34.19 21.90 39.04
CA ASN H 62 33.71 20.96 38.05
C ASN H 62 32.20 21.11 37.88
N GLU H 63 31.81 21.82 36.82
CA GLU H 63 30.43 22.08 36.46
C GLU H 63 29.60 20.79 36.26
N GLU H 64 30.25 19.73 35.73
CA GLU H 64 29.53 18.48 35.52
C GLU H 64 29.16 17.79 36.84
N LYS H 65 29.99 17.95 37.88
CA LYS H 65 29.70 17.37 39.19
C LYS H 65 28.47 18.06 39.79
N LEU H 66 28.44 19.39 39.72
CA LEU H 66 27.33 20.19 40.20
C LEU H 66 26.02 19.83 39.45
N ARG H 67 26.06 19.77 38.12
CA ARG H 67 24.90 19.46 37.32
C ARG H 67 24.40 18.05 37.54
N SER H 68 25.30 17.06 37.51
CA SER H 68 24.88 15.68 37.65
C SER H 68 24.23 15.40 39.01
N GLY H 69 24.63 16.11 40.06
CA GLY H 69 24.03 15.96 41.36
C GLY H 69 22.60 16.46 41.35
N MET H 70 22.37 17.63 40.74
CA MET H 70 21.04 18.22 40.63
C MET H 70 20.13 17.34 39.78
N LEU H 71 20.66 16.77 38.68
CA LEU H 71 19.85 15.93 37.81
C LEU H 71 19.42 14.63 38.48
N ARG H 72 20.19 14.13 39.44
CA ARG H 72 19.80 12.94 40.18
C ARG H 72 18.58 13.27 41.05
N ALA H 73 18.62 14.43 41.72
CA ALA H 73 17.53 14.89 42.56
C ALA H 73 16.28 15.20 41.74
N LEU H 74 16.46 15.76 40.54
CA LEU H 74 15.37 16.16 39.66
C LEU H 74 14.79 15.04 38.82
N GLU H 75 15.15 13.77 39.10
CA GLU H 75 14.63 12.64 38.31
C GLU H 75 13.12 12.60 38.29
N LYS H 76 12.56 12.55 37.08
CA LYS H 76 11.13 12.47 36.84
C LYS H 76 10.34 13.70 37.36
N ARG H 77 11.03 14.84 37.55
CA ARG H 77 10.38 16.08 38.01
C ARG H 77 10.12 17.02 36.84
N PRO H 78 9.01 17.79 36.87
CA PRO H 78 8.70 18.67 35.73
C PRO H 78 9.46 19.98 35.70
N VAL H 79 10.78 19.89 35.60
CA VAL H 79 11.68 21.04 35.53
C VAL H 79 12.46 20.91 34.23
N SER H 80 12.40 21.94 33.38
CA SER H 80 13.06 21.89 32.07
C SER H 80 14.59 22.00 32.18
N SER H 81 15.32 21.60 31.13
CA SER H 81 16.77 21.73 31.12
C SER H 81 17.18 23.21 31.14
N ASP H 82 16.33 24.12 30.64
CA ASP H 82 16.61 25.55 30.65
C ASP H 82 16.55 26.09 32.07
N ASP H 83 15.59 25.60 32.88
CA ASP H 83 15.48 25.98 34.29
C ASP H 83 16.73 25.53 35.06
N VAL H 84 17.21 24.31 34.77
CA VAL H 84 18.40 23.74 35.39
C VAL H 84 19.63 24.55 34.99
N GLU H 85 19.74 24.90 33.71
CA GLU H 85 20.88 25.68 33.24
C GLU H 85 20.88 27.08 33.80
N MET H 86 19.71 27.67 34.01
CA MET H 86 19.63 29.00 34.62
C MET H 86 20.01 28.91 36.11
N ALA H 87 19.62 27.81 36.78
CA ALA H 87 19.96 27.62 38.19
C ALA H 87 21.47 27.44 38.33
N ILE H 88 22.10 26.66 37.43
CA ILE H 88 23.55 26.45 37.44
C ILE H 88 24.28 27.76 37.18
N ASN H 89 23.82 28.55 36.21
CA ASN H 89 24.41 29.86 35.91
C ASN H 89 24.33 30.78 37.10
N HIS H 90 23.21 30.74 37.83
CA HIS H 90 23.04 31.56 39.00
C HIS H 90 24.00 31.14 40.10
N ILE H 91 24.19 29.81 40.31
CA ILE H 91 25.13 29.28 41.30
C ILE H 91 26.55 29.76 40.97
N LYS H 92 26.96 29.61 39.70
CA LYS H 92 28.27 30.03 39.22
C LYS H 92 28.50 31.50 39.43
N SER H 93 27.47 32.32 39.17
CA SER H 93 27.54 33.75 39.32
C SER H 93 27.78 34.12 40.78
N GLN H 94 27.12 33.42 41.71
CA GLN H 94 27.27 33.68 43.14
C GLN H 94 28.65 33.27 43.63
N LEU H 95 29.18 32.14 43.14
CA LEU H 95 30.51 31.68 43.54
C LEU H 95 31.56 32.67 43.03
N ARG H 96 31.41 33.16 41.79
CA ARG H 96 32.28 34.14 41.17
C ARG H 96 32.23 35.48 41.89
N ALA H 97 31.06 35.86 42.42
CA ALA H 97 30.87 37.12 43.16
C ALA H 97 31.60 37.13 44.52
N THR H 98 31.90 35.93 45.10
CA THR H 98 32.65 35.89 46.36
C THR H 98 34.08 36.42 46.19
N GLY H 99 34.63 36.28 44.98
CA GLY H 99 35.99 36.69 44.65
C GLY H 99 37.06 35.82 45.26
N GLU H 100 36.68 34.77 46.00
CA GLU H 100 37.60 33.88 46.68
C GLU H 100 38.35 32.94 45.76
N ARG H 101 39.59 32.60 46.14
CA ARG H 101 40.47 31.67 45.43
C ARG H 101 39.85 30.27 45.52
N GLU H 102 39.24 29.94 46.66
CA GLU H 102 38.62 28.66 46.89
C GLU H 102 37.37 28.83 47.75
N VAL H 103 36.38 27.97 47.53
CA VAL H 103 35.14 27.99 48.28
C VAL H 103 34.88 26.56 48.80
N PRO H 104 34.35 26.42 50.03
CA PRO H 104 34.09 25.06 50.54
C PRO H 104 32.93 24.38 49.81
N SER H 105 32.99 23.04 49.69
CA SER H 105 31.92 22.29 49.05
C SER H 105 30.55 22.53 49.68
N LYS H 106 30.53 22.88 50.98
CA LYS H 106 29.34 23.23 51.73
C LYS H 106 28.62 24.46 51.13
N MET H 107 29.38 25.47 50.65
CA MET H 107 28.80 26.64 50.04
C MET H 107 28.09 26.26 48.75
N ILE H 108 28.71 25.41 47.94
CA ILE H 108 28.09 24.94 46.70
C ILE H 108 26.79 24.18 46.99
N GLY H 109 26.87 23.24 47.93
CA GLY H 109 25.71 22.45 48.33
C GLY H 109 24.55 23.28 48.82
N ASN H 110 24.82 24.30 49.65
CA ASN H 110 23.80 25.22 50.16
C ASN H 110 23.18 26.03 49.02
N LEU H 111 24.01 26.44 48.05
CA LEU H 111 23.53 27.20 46.91
C LEU H 111 22.63 26.35 46.01
N VAL H 112 22.89 25.02 45.93
CA VAL H 112 22.05 24.11 45.16
C VAL H 112 20.69 23.95 45.86
N MET H 113 20.71 23.85 47.20
CA MET H 113 19.50 23.76 48.01
C MET H 113 18.61 24.98 47.78
N GLU H 114 19.21 26.17 47.63
CA GLU H 114 18.45 27.40 47.39
C GLU H 114 17.73 27.34 46.06
N GLN H 115 18.37 26.76 45.04
CA GLN H 115 17.77 26.65 43.72
C GLN H 115 16.68 25.58 43.68
N LEU H 116 16.90 24.46 44.40
CA LEU H 116 15.91 23.39 44.46
C LEU H 116 14.64 23.82 45.23
N LYS H 117 14.73 24.86 46.07
CA LYS H 117 13.56 25.40 46.77
C LYS H 117 12.65 26.05 45.73
N LYS H 118 13.22 26.86 44.83
CA LYS H 118 12.49 27.55 43.77
C LYS H 118 12.04 26.58 42.64
N LEU H 119 12.78 25.49 42.40
CA LEU H 119 12.45 24.59 41.29
C LEU H 119 11.47 23.47 41.64
N ASP H 120 11.81 22.58 42.60
CA ASP H 120 10.96 21.45 42.95
C ASP H 120 11.28 20.94 44.35
N LYS H 121 10.29 20.96 45.24
CA LYS H 121 10.47 20.53 46.63
C LYS H 121 10.83 19.03 46.78
N VAL H 122 10.32 18.16 45.88
CA VAL H 122 10.66 16.72 45.95
C VAL H 122 12.14 16.54 45.68
N ALA H 123 12.65 17.23 44.65
CA ALA H 123 14.07 17.18 44.30
C ALA H 123 14.90 17.70 45.47
N TYR H 124 14.46 18.78 46.13
CA TYR H 124 15.13 19.34 47.28
C TYR H 124 15.32 18.29 48.37
N ILE H 125 14.28 17.51 48.70
CA ILE H 125 14.38 16.48 49.73
C ILE H 125 15.32 15.38 49.32
N ARG H 126 15.28 14.96 48.04
CA ARG H 126 16.15 13.91 47.52
C ARG H 126 17.62 14.32 47.66
N PHE H 127 17.94 15.56 47.23
CA PHE H 127 19.29 16.09 47.32
C PHE H 127 19.71 16.18 48.78
N ALA H 128 18.80 16.70 49.65
CA ALA H 128 19.05 16.84 51.08
C ALA H 128 19.40 15.51 51.72
N SER H 129 18.71 14.42 51.34
CA SER H 129 18.98 13.10 51.89
C SER H 129 20.44 12.65 51.69
N VAL H 130 21.04 13.06 50.57
CA VAL H 130 22.44 12.71 50.29
C VAL H 130 23.39 13.74 50.87
N TYR H 131 23.15 15.03 50.57
CA TYR H 131 23.97 16.15 51.03
C TYR H 131 24.13 16.21 52.53
N ARG H 132 23.04 15.98 53.26
CA ARG H 132 23.08 15.98 54.73
C ARG H 132 23.27 14.57 55.30
N SER H 133 23.68 13.60 54.45
CA SER H 133 23.92 12.19 54.74
C SER H 133 23.00 11.60 55.82
N PHE H 134 21.76 11.35 55.46
CA PHE H 134 20.78 10.81 56.40
C PHE H 134 21.17 9.44 56.90
N GLU H 135 21.20 9.26 58.23
CA GLU H 135 21.54 8.00 58.87
C GLU H 135 20.29 7.21 59.32
N ASP H 136 19.12 7.89 59.43
CA ASP H 136 17.83 7.33 59.87
C ASP H 136 16.69 7.87 58.96
N ILE H 137 15.60 7.10 58.85
CA ILE H 137 14.48 7.47 57.99
C ILE H 137 13.72 8.70 58.47
N LYS H 138 13.65 8.91 59.80
CA LYS H 138 12.97 10.06 60.43
C LYS H 138 13.41 11.41 59.85
N GLU H 139 14.68 11.50 59.41
CA GLU H 139 15.29 12.70 58.84
C GLU H 139 14.56 13.24 57.63
N PHE H 140 13.77 12.41 56.93
CA PHE H 140 13.00 12.90 55.80
C PHE H 140 11.90 13.83 56.32
N GLY H 141 11.18 13.39 57.34
CA GLY H 141 10.13 14.18 57.96
C GLY H 141 10.67 15.46 58.56
N GLU H 142 11.84 15.37 59.22
CA GLU H 142 12.53 16.49 59.83
C GLU H 142 12.92 17.54 58.77
N GLU H 143 13.39 17.09 57.62
CA GLU H 143 13.75 17.99 56.53
C GLU H 143 12.52 18.66 55.92
N ILE H 144 11.39 17.92 55.86
CA ILE H 144 10.11 18.43 55.36
C ILE H 144 9.58 19.50 56.30
N ALA H 145 9.68 19.26 57.62
CA ALA H 145 9.23 20.21 58.64
C ALA H 145 10.02 21.51 58.54
N ARG H 146 11.34 21.40 58.29
CA ARG H 146 12.25 22.54 58.12
C ARG H 146 11.95 23.33 56.84
N LEU H 147 11.42 22.67 55.81
CA LEU H 147 11.03 23.32 54.57
C LEU H 147 9.78 24.19 54.80
N GLU H 148 8.87 23.77 55.71
CA GLU H 148 7.70 24.57 56.03
C GLU H 148 8.14 25.88 56.70
N ASP H 149 9.14 25.83 57.58
CA ASP H 149 9.65 27.03 58.25
C ASP H 149 10.78 27.68 57.42
#